data_8I2M
#
_entry.id   8I2M
#
_cell.length_a   61.656
_cell.length_b   79.761
_cell.length_c   77.338
_cell.angle_alpha   90.00
_cell.angle_beta   106.32
_cell.angle_gamma   90.00
#
_symmetry.space_group_name_H-M   'P 1 21 1'
#
loop_
_entity.id
_entity.type
_entity.pdbx_description
1 polymer 'Tryptophan--tRNA ligase'
2 non-polymer 2-{4-[(3S)-piperidin-3-yl]phenyl}-2H-indazole-7-carboxamide
3 non-polymer 'SULFATE ION'
4 non-polymer "TRYPTOPHANYL-5'AMP"
5 water water
#
_entity_poly.entity_id   1
_entity_poly.type   'polypeptide(L)'
_entity_poly.pdbx_seq_one_letter_code
;MTKPIVFSGAQPSGELTIGNYMGALRQWVNMQDDYHCIYCIVDQHAITVRQDAQKLRKATLDTLALYLACGIDPEKSTIF
VQSHVPEHAQLGWALNCYTYFGELSRMTQFKDKSARYAENINAGLFDYPVLMAADILLYQTNLVPVGEDQKQHLELSRDI
AQRFNALYGEIFKVPEPFIPKSGARVMSLLEPTKKMSKSDDNRNNVIGLLEDPKSVVKKIKRAVTDSDEPPVVRYDVQNK
AGVSNLLDILSAVTGQSIPELEKQFEGKMYGHLKGEVADAVSGMLTELQERYHRFRNDEAFLQQVMKDGAEKASAHASRT
LKAVYEAIGFVAKRHHHHHH
;
_entity_poly.pdbx_strand_id   A,B
#
loop_
_chem_comp.id
_chem_comp.type
_chem_comp.name
_chem_comp.formula
3JD non-polymer 2-{4-[(3S)-piperidin-3-yl]phenyl}-2H-indazole-7-carboxamide 'C19 H20 N4 O'
SO4 non-polymer 'SULFATE ION' 'O4 S -2'
TYM non-polymer TRYPTOPHANYL-5'AMP 'C21 H24 N7 O8 P'
#
# COMPACT_ATOMS: atom_id res chain seq x y z
N LYS A 3 7.50 -23.47 18.38
CA LYS A 3 8.04 -22.23 19.04
C LYS A 3 7.17 -21.02 18.67
N PRO A 4 7.05 -20.03 19.59
CA PRO A 4 6.30 -18.84 19.20
C PRO A 4 7.05 -17.99 18.16
N ILE A 5 6.30 -17.37 17.27
CA ILE A 5 6.88 -16.53 16.23
C ILE A 5 7.01 -15.11 16.75
N VAL A 6 8.22 -14.55 16.59
CA VAL A 6 8.53 -13.18 17.01
C VAL A 6 8.89 -12.36 15.76
N PHE A 7 8.21 -11.23 15.58
CA PHE A 7 8.50 -10.33 14.47
C PHE A 7 9.11 -9.04 15.00
N SER A 8 10.24 -8.65 14.43
CA SER A 8 10.90 -7.40 14.78
C SER A 8 11.23 -6.62 13.50
N GLY A 9 10.80 -5.37 13.47
CA GLY A 9 11.05 -4.47 12.34
C GLY A 9 12.27 -3.60 12.63
N ALA A 10 13.20 -3.54 11.68
CA ALA A 10 14.45 -2.78 11.84
C ALA A 10 14.56 -1.70 10.78
N GLN A 11 14.67 -0.44 11.20
CA GLN A 11 14.76 0.68 10.25
C GLN A 11 16.14 0.71 9.60
N PRO A 12 16.21 0.90 8.25
CA PRO A 12 17.49 1.11 7.59
C PRO A 12 17.92 2.58 7.66
N SER A 13 18.25 3.03 8.86
CA SER A 13 18.64 4.41 9.12
C SER A 13 19.22 4.55 10.53
N GLU A 15 21.12 4.43 12.99
CA GLU A 15 22.43 4.13 13.55
C GLU A 15 22.30 3.69 15.02
N LEU A 16 22.61 2.41 15.28
CA LEU A 16 22.39 1.81 16.60
C LEU A 16 23.38 2.32 17.66
N THR A 17 22.90 2.40 18.90
CA THR A 17 23.71 2.82 20.06
C THR A 17 23.97 1.62 20.98
N ILE A 18 24.84 1.84 21.97
CA ILE A 18 25.07 0.83 23.02
C ILE A 18 23.80 0.54 23.84
N GLY A 19 22.90 1.52 23.92
CA GLY A 19 21.57 1.32 24.53
C GLY A 19 20.73 0.31 23.76
N ASN A 20 20.68 0.46 22.44
CA ASN A 20 19.98 -0.49 21.56
C ASN A 20 20.57 -1.90 21.69
N TYR A 21 21.90 -1.98 21.73
CA TYR A 21 22.59 -3.27 21.75
C TYR A 21 22.50 -3.98 23.10
N MET A 22 23.05 -3.36 24.14
CA MET A 22 23.11 -3.98 25.47
C MET A 22 21.73 -4.16 26.09
N GLY A 23 20.80 -3.28 25.72
CA GLY A 23 19.40 -3.48 26.04
C GLY A 23 18.79 -4.58 25.18
N ALA A 24 17.98 -4.15 24.21
CA ALA A 24 17.14 -5.06 23.42
C ALA A 24 17.90 -6.14 22.64
N LEU A 25 18.86 -5.72 21.82
CA LEU A 25 19.46 -6.64 20.84
C LEU A 25 20.23 -7.82 21.44
N ARG A 26 21.06 -7.56 22.43
CA ARG A 26 21.87 -8.60 23.08
C ARG A 26 20.98 -9.64 23.77
N GLN A 27 19.91 -9.18 24.41
CA GLN A 27 18.87 -10.05 24.98
C GLN A 27 18.33 -11.01 23.90
N TRP A 28 17.93 -10.44 22.77
CA TRP A 28 17.30 -11.20 21.68
C TRP A 28 18.22 -12.14 20.92
N VAL A 29 19.50 -11.75 20.78
CA VAL A 29 20.54 -12.63 20.23
C VAL A 29 20.61 -13.96 21.02
N ASN A 30 20.45 -13.88 22.33
CA ASN A 30 20.47 -15.06 23.22
C ASN A 30 19.15 -15.85 23.31
N MET A 31 18.11 -15.45 22.55
CA MET A 31 16.83 -16.16 22.54
C MET A 31 16.43 -16.68 21.14
N GLN A 32 17.41 -16.88 20.26
CA GLN A 32 17.14 -17.34 18.89
C GLN A 32 16.74 -18.81 18.78
N ASP A 33 17.07 -19.61 19.80
CA ASP A 33 16.63 -21.00 19.89
C ASP A 33 15.32 -21.19 20.67
N ASP A 34 14.93 -20.19 21.47
CA ASP A 34 13.67 -20.23 22.22
C ASP A 34 12.47 -19.87 21.36
N TYR A 35 12.69 -18.98 20.39
CA TYR A 35 11.64 -18.47 19.51
C TYR A 35 12.05 -18.61 18.05
N HIS A 36 11.05 -18.58 17.18
CA HIS A 36 11.24 -18.44 15.73
C HIS A 36 11.26 -16.94 15.44
N CYS A 37 12.46 -16.35 15.49
CA CYS A 37 12.61 -14.90 15.37
C CYS A 37 12.68 -14.48 13.91
N ILE A 38 11.95 -13.41 13.57
CA ILE A 38 11.97 -12.81 12.24
C ILE A 38 12.43 -11.36 12.36
N TYR A 39 13.42 -10.98 11.56
CA TYR A 39 13.94 -9.60 11.51
C TYR A 39 13.76 -9.02 10.11
N CYS A 40 12.94 -7.98 9.99
CA CYS A 40 12.58 -7.38 8.71
C CYS A 40 13.16 -5.98 8.63
N ILE A 41 14.08 -5.77 7.69
CA ILE A 41 14.67 -4.45 7.46
C ILE A 41 13.65 -3.65 6.65
N VAL A 42 13.03 -2.66 7.29
CA VAL A 42 11.80 -2.05 6.77
C VAL A 42 12.05 -0.84 5.85
N ASP A 43 12.60 -1.13 4.68
CA ASP A 43 12.91 -0.09 3.69
C ASP A 43 11.67 0.56 3.06
N GLN A 44 10.55 -0.16 3.00
CA GLN A 44 9.28 0.44 2.54
C GLN A 44 8.69 1.44 3.55
N HIS A 45 8.93 1.20 4.84
CA HIS A 45 8.60 2.20 5.87
C HIS A 45 9.56 3.40 5.85
N ALA A 46 10.84 3.16 5.56
CA ALA A 46 11.85 4.22 5.53
C ALA A 46 11.51 5.38 4.59
N ILE A 47 11.05 5.02 3.38
CA ILE A 47 10.70 6.02 2.34
C ILE A 47 9.48 6.92 2.64
N THR A 48 8.77 6.67 3.74
CA THR A 48 7.75 7.61 4.25
C THR A 48 8.35 8.98 4.62
N VAL A 49 9.67 9.02 4.85
CA VAL A 49 10.44 10.26 4.91
C VAL A 49 11.35 10.30 3.68
N ARG A 50 11.28 11.39 2.93
CA ARG A 50 12.12 11.61 1.75
C ARG A 50 13.59 11.60 2.17
N GLN A 51 14.41 10.88 1.41
CA GLN A 51 15.83 10.78 1.69
C GLN A 51 16.62 10.39 0.45
N ASP A 52 17.94 10.57 0.53
CA ASP A 52 18.82 10.28 -0.59
C ASP A 52 18.82 8.78 -0.88
N ALA A 53 18.67 8.44 -2.17
CA ALA A 53 18.53 7.06 -2.62
C ALA A 53 19.76 6.20 -2.33
N GLN A 54 20.94 6.73 -2.64
CA GLN A 54 22.19 6.00 -2.46
C GLN A 54 22.53 5.76 -0.98
N LYS A 55 22.15 6.71 -0.12
CA LYS A 55 22.29 6.56 1.33
C LYS A 55 21.33 5.51 1.92
N LEU A 56 20.12 5.40 1.34
CA LEU A 56 19.14 4.38 1.77
C LEU A 56 19.62 2.96 1.45
N ARG A 57 20.17 2.78 0.25
CA ARG A 57 20.75 1.49 -0.17
C ARG A 57 21.89 1.08 0.76
N LYS A 58 22.80 2.02 1.00
CA LYS A 58 23.92 1.84 1.91
C LYS A 58 23.45 1.49 3.34
N ALA A 59 22.51 2.27 3.84
CA ALA A 59 21.96 2.11 5.19
C ALA A 59 21.28 0.76 5.40
N THR A 60 20.62 0.25 4.36
CA THR A 60 20.01 -1.09 4.37
C THR A 60 21.06 -2.18 4.60
N LEU A 61 22.17 -2.08 3.88
CA LEU A 61 23.28 -3.04 4.01
C LEU A 61 24.07 -2.84 5.31
N ASP A 62 24.22 -1.59 5.75
CA ASP A 62 24.81 -1.26 7.06
C ASP A 62 24.04 -1.93 8.20
N THR A 63 22.71 -1.77 8.18
CA THR A 63 21.84 -2.35 9.19
C THR A 63 21.93 -3.88 9.20
N LEU A 64 21.90 -4.49 8.00
CA LEU A 64 22.02 -5.95 7.87
C LEU A 64 23.31 -6.47 8.49
N ALA A 65 24.45 -5.87 8.12
CA ALA A 65 25.75 -6.30 8.64
C ALA A 65 25.86 -6.13 10.17
N LEU A 66 25.28 -5.06 10.70
CA LEU A 66 25.33 -4.77 12.14
C LEU A 66 24.49 -5.74 12.98
N TYR A 67 23.30 -6.10 12.48
CA TYR A 67 22.49 -7.14 13.10
C TYR A 67 23.20 -8.51 13.09
N LEU A 68 23.82 -8.84 11.97
CA LEU A 68 24.66 -10.03 11.87
C LEU A 68 25.85 -9.95 12.83
N ALA A 69 26.49 -8.79 12.90
CA ALA A 69 27.62 -8.54 13.82
C ALA A 69 27.24 -8.72 15.28
N CYS A 70 26.05 -8.23 15.65
CA CYS A 70 25.53 -8.38 17.01
C CYS A 70 25.22 -9.83 17.41
N GLY A 71 25.09 -10.71 16.44
CA GLY A 71 24.90 -12.14 16.69
C GLY A 71 23.64 -12.75 16.11
N ILE A 72 22.86 -11.97 15.34
CA ILE A 72 21.69 -12.52 14.66
C ILE A 72 22.20 -13.53 13.63
N ASP A 73 21.74 -14.77 13.77
CA ASP A 73 22.22 -15.91 13.03
C ASP A 73 21.19 -16.20 11.93
N PRO A 74 21.58 -16.05 10.64
CA PRO A 74 20.62 -16.29 9.56
C PRO A 74 20.21 -17.75 9.33
N GLU A 75 20.90 -18.70 9.97
CA GLU A 75 20.50 -20.11 9.95
C GLU A 75 19.46 -20.44 11.02
N LYS A 76 19.43 -19.66 12.11
CA LYS A 76 18.45 -19.84 13.19
C LYS A 76 17.26 -18.91 13.01
N SER A 77 17.54 -17.62 12.85
CA SER A 77 16.51 -16.60 12.64
C SER A 77 16.36 -16.30 11.15
N THR A 78 15.23 -15.69 10.80
CA THR A 78 14.98 -15.22 9.44
C THR A 78 15.25 -13.71 9.40
N ILE A 79 16.24 -13.30 8.61
CA ILE A 79 16.53 -11.89 8.40
C ILE A 79 16.43 -11.56 6.91
N PHE A 80 15.65 -10.53 6.58
CA PHE A 80 15.41 -10.17 5.19
C PHE A 80 15.03 -8.70 5.03
N VAL A 81 15.03 -8.24 3.78
CA VAL A 81 14.66 -6.87 3.41
C VAL A 81 13.19 -6.86 2.98
N GLN A 82 12.42 -5.94 3.59
CA GLN A 82 10.96 -5.84 3.41
C GLN A 82 10.51 -5.81 1.94
N SER A 83 11.14 -4.95 1.14
CA SER A 83 10.79 -4.76 -0.27
C SER A 83 11.03 -6.00 -1.15
N HIS A 84 11.86 -6.93 -0.69
CA HIS A 84 12.10 -8.20 -1.38
C HIS A 84 10.95 -9.21 -1.28
N VAL A 85 9.96 -8.95 -0.42
CA VAL A 85 8.82 -9.85 -0.23
C VAL A 85 7.53 -9.08 -0.60
N PRO A 86 7.02 -9.27 -1.85
CA PRO A 86 5.83 -8.53 -2.34
C PRO A 86 4.58 -8.63 -1.46
N GLU A 87 4.45 -9.75 -0.75
CA GLU A 87 3.29 -10.01 0.11
C GLU A 87 2.99 -8.92 1.15
N HIS A 88 4.03 -8.21 1.60
CA HIS A 88 3.86 -7.10 2.56
C HIS A 88 3.00 -5.97 2.00
N ALA A 89 3.36 -5.53 0.79
CA ALA A 89 2.59 -4.52 0.07
C ALA A 89 1.19 -5.02 -0.30
N GLN A 90 1.12 -6.29 -0.71
CA GLN A 90 -0.15 -6.93 -1.07
C GLN A 90 -1.14 -6.99 0.10
N LEU A 91 -0.68 -7.50 1.24
CA LEU A 91 -1.53 -7.54 2.43
C LEU A 91 -1.81 -6.14 2.97
N GLY A 92 -0.82 -5.24 2.84
CA GLY A 92 -0.98 -3.83 3.19
C GLY A 92 -2.18 -3.19 2.53
N TRP A 93 -2.34 -3.41 1.23
CA TRP A 93 -3.51 -2.90 0.51
C TRP A 93 -4.81 -3.54 0.99
N ALA A 94 -4.81 -4.87 1.11
CA ALA A 94 -6.01 -5.59 1.53
C ALA A 94 -6.49 -5.08 2.89
N LEU A 95 -5.58 -4.94 3.85
CA LEU A 95 -5.92 -4.48 5.20
C LEU A 95 -6.34 -3.01 5.28
N ASN A 96 -5.90 -2.18 4.32
CA ASN A 96 -6.43 -0.80 4.18
C ASN A 96 -7.95 -0.80 4.09
N CYS A 97 -8.50 -1.76 3.35
CA CYS A 97 -9.94 -1.90 3.16
C CYS A 97 -10.71 -2.38 4.40
N TYR A 98 -10.01 -2.84 5.45
CA TYR A 98 -10.59 -3.23 6.74
C TYR A 98 -10.09 -2.37 7.91
N THR A 99 -9.52 -1.20 7.58
CA THR A 99 -9.03 -0.24 8.56
C THR A 99 -9.83 1.04 8.39
N TYR A 100 -10.35 1.59 9.48
CA TYR A 100 -11.10 2.84 9.42
C TYR A 100 -10.17 4.03 9.19
N PHE A 101 -10.59 4.95 8.33
CA PHE A 101 -9.90 6.24 8.15
C PHE A 101 -9.70 6.93 9.51
N GLY A 102 -10.76 6.95 10.31
CA GLY A 102 -10.73 7.45 11.69
C GLY A 102 -9.59 6.91 12.55
N GLU A 103 -9.35 5.61 12.47
CA GLU A 103 -8.26 4.96 13.23
C GLU A 103 -6.89 5.53 12.89
N LEU A 104 -6.63 5.74 11.60
CA LEU A 104 -5.36 6.34 11.16
C LEU A 104 -5.22 7.81 11.56
N SER A 105 -6.30 8.58 11.45
CA SER A 105 -6.30 9.99 11.84
C SER A 105 -6.09 10.19 13.34
N ARG A 106 -6.61 9.25 14.14
CA ARG A 106 -6.47 9.28 15.61
C ARG A 106 -5.12 8.78 16.14
N MET A 107 -4.22 8.35 15.27
CA MET A 107 -2.88 7.93 15.71
C MET A 107 -2.12 9.11 16.32
N THR A 108 -1.32 8.81 17.34
CA THR A 108 -0.57 9.82 18.08
C THR A 108 0.62 10.31 17.25
N ALA A 118 -0.18 19.39 7.58
CA ALA A 118 -1.53 18.86 7.75
C ALA A 118 -2.05 18.20 6.47
N GLU A 119 -2.09 18.97 5.39
CA GLU A 119 -2.42 18.47 4.05
C GLU A 119 -1.17 18.25 3.19
N ASN A 120 0.00 18.70 3.69
CA ASN A 120 1.31 18.48 3.05
C ASN A 120 2.10 17.29 3.63
N ILE A 121 1.46 16.51 4.47
CA ILE A 121 1.99 15.24 4.98
C ILE A 121 1.78 14.23 3.85
N ASN A 122 2.76 13.36 3.57
CA ASN A 122 2.57 12.37 2.50
C ASN A 122 1.69 11.21 2.98
N ALA A 123 1.01 10.55 2.03
CA ALA A 123 0.06 9.48 2.34
C ALA A 123 0.73 8.26 2.96
N GLY A 124 2.01 8.06 2.66
CA GLY A 124 2.79 7.00 3.26
C GLY A 124 2.89 7.14 4.76
N LEU A 125 3.18 8.35 5.23
CA LEU A 125 3.26 8.64 6.65
C LEU A 125 1.91 8.44 7.34
N PHE A 126 0.84 8.83 6.65
CA PHE A 126 -0.52 8.59 7.13
C PHE A 126 -0.87 7.09 7.18
N ASP A 127 -0.49 6.36 6.14
CA ASP A 127 -0.92 4.97 5.95
C ASP A 127 0.01 3.86 6.52
N TYR A 128 1.20 4.20 7.00
CA TYR A 128 2.15 3.15 7.41
C TYR A 128 1.71 2.24 8.56
N PRO A 129 0.82 2.69 9.48
CA PRO A 129 0.40 1.71 10.50
C PRO A 129 -0.31 0.46 9.93
N VAL A 130 -0.98 0.60 8.79
CA VAL A 130 -1.63 -0.54 8.13
C VAL A 130 -0.58 -1.48 7.53
N LEU A 131 0.44 -0.92 6.88
CA LEU A 131 1.55 -1.74 6.35
C LEU A 131 2.26 -2.49 7.48
N MET A 132 2.48 -1.79 8.61
CA MET A 132 3.03 -2.40 9.83
C MET A 132 2.18 -3.56 10.32
N ALA A 133 0.86 -3.37 10.33
CA ALA A 133 -0.07 -4.46 10.65
C ALA A 133 0.11 -5.65 9.70
N ALA A 134 0.23 -5.38 8.41
CA ALA A 134 0.49 -6.41 7.41
C ALA A 134 1.83 -7.12 7.64
N ASP A 135 2.89 -6.34 7.92
CA ASP A 135 4.22 -6.91 8.19
C ASP A 135 4.14 -7.99 9.28
N ILE A 136 3.42 -7.66 10.37
CA ILE A 136 3.26 -8.54 11.53
C ILE A 136 2.33 -9.72 11.21
N LEU A 137 1.16 -9.41 10.69
CA LEU A 137 0.11 -10.43 10.48
C LEU A 137 0.47 -11.47 9.42
N LEU A 138 1.33 -11.11 8.46
CA LEU A 138 1.80 -12.05 7.42
C LEU A 138 2.40 -13.35 7.97
N TYR A 139 3.13 -13.26 9.09
CA TYR A 139 3.92 -14.40 9.59
C TYR A 139 3.30 -15.13 10.78
N GLN A 140 1.97 -15.00 10.96
CA GLN A 140 1.26 -15.61 12.09
C GLN A 140 1.99 -15.31 13.41
N THR A 141 2.33 -14.03 13.58
CA THR A 141 3.19 -13.58 14.67
C THR A 141 2.47 -13.67 16.00
N ASN A 142 3.15 -14.24 16.98
CA ASN A 142 2.67 -14.32 18.37
C ASN A 142 3.11 -13.11 19.18
N LEU A 143 4.36 -12.69 19.01
CA LEU A 143 4.99 -11.66 19.84
C LEU A 143 5.70 -10.59 19.01
N VAL A 144 5.58 -9.33 19.44
CA VAL A 144 6.28 -8.20 18.80
C VAL A 144 6.89 -7.33 19.90
N PRO A 145 8.24 -7.25 19.97
CA PRO A 145 8.88 -6.43 21.00
C PRO A 145 8.98 -4.95 20.60
N VAL A 146 7.84 -4.26 20.60
CA VAL A 146 7.80 -2.82 20.31
C VAL A 146 8.28 -1.97 21.49
N GLY A 147 8.71 -0.75 21.19
CA GLY A 147 8.91 0.29 22.20
C GLY A 147 7.59 0.97 22.54
N GLU A 148 7.62 1.88 23.51
CA GLU A 148 6.41 2.58 23.99
C GLU A 148 5.74 3.44 22.91
N ASP A 149 6.54 4.04 22.04
CA ASP A 149 6.03 4.90 20.97
C ASP A 149 5.35 4.15 19.79
N GLN A 150 5.45 2.81 19.77
CA GLN A 150 4.75 1.98 18.80
C GLN A 150 3.78 0.97 19.43
N LYS A 151 3.41 1.19 20.68
CA LYS A 151 2.38 0.38 21.36
C LYS A 151 1.01 0.59 20.72
N GLN A 152 0.70 1.84 20.35
CA GLN A 152 -0.55 2.17 19.66
C GLN A 152 -0.66 1.47 18.29
N HIS A 153 0.46 1.37 17.60
CA HIS A 153 0.53 0.72 16.28
C HIS A 153 0.28 -0.77 16.35
N LEU A 154 0.91 -1.43 17.32
CA LEU A 154 0.66 -2.85 17.60
C LEU A 154 -0.80 -3.11 17.93
N GLU A 155 -1.39 -2.22 18.73
CA GLU A 155 -2.78 -2.35 19.14
C GLU A 155 -3.75 -2.28 17.95
N LEU A 156 -3.45 -1.41 17.00
CA LEU A 156 -4.21 -1.35 15.74
C LEU A 156 -4.11 -2.66 14.97
N SER A 157 -2.92 -3.26 14.92
CA SER A 157 -2.73 -4.56 14.26
C SER A 157 -3.54 -5.67 14.93
N ARG A 158 -3.65 -5.61 16.27
CA ARG A 158 -4.50 -6.53 17.03
C ARG A 158 -5.98 -6.32 16.70
N ASP A 159 -6.39 -5.05 16.61
CA ASP A 159 -7.77 -4.70 16.24
C ASP A 159 -8.14 -5.11 14.82
N ILE A 160 -7.22 -4.88 13.87
CA ILE A 160 -7.39 -5.32 12.48
C ILE A 160 -7.53 -6.83 12.40
N ALA A 161 -6.64 -7.55 13.07
CA ALA A 161 -6.64 -9.01 13.10
C ALA A 161 -7.94 -9.59 13.63
N GLN A 162 -8.41 -9.05 14.76
CA GLN A 162 -9.67 -9.51 15.36
C GLN A 162 -10.89 -9.18 14.50
N ARG A 163 -10.88 -7.99 13.88
CA ARG A 163 -11.95 -7.58 12.97
C ARG A 163 -12.04 -8.49 11.75
N PHE A 164 -10.90 -8.75 11.12
CA PHE A 164 -10.84 -9.63 9.95
C PHE A 164 -11.23 -11.05 10.31
N ASN A 165 -10.69 -11.54 11.43
CA ASN A 165 -11.01 -12.88 11.92
C ASN A 165 -12.50 -13.08 12.22
N ALA A 166 -13.14 -12.05 12.79
CA ALA A 166 -14.58 -12.10 13.10
C ALA A 166 -15.45 -12.26 11.84
N LEU A 167 -15.05 -11.61 10.75
CA LEU A 167 -15.76 -11.74 9.47
C LEU A 167 -15.53 -13.09 8.78
N TYR A 168 -14.27 -13.54 8.77
CA TYR A 168 -13.85 -14.64 7.88
C TYR A 168 -13.33 -15.90 8.57
N GLY A 169 -13.28 -15.93 9.91
CA GLY A 169 -12.69 -17.06 10.65
C GLY A 169 -11.23 -16.78 11.00
N GLU A 170 -10.59 -17.75 11.67
CA GLU A 170 -9.28 -17.50 12.29
C GLU A 170 -8.12 -17.56 11.28
N ILE A 171 -8.03 -16.51 10.47
CA ILE A 171 -7.02 -16.34 9.43
C ILE A 171 -5.71 -15.90 10.05
N PHE A 172 -5.77 -14.90 10.93
CA PHE A 172 -4.59 -14.32 11.58
C PHE A 172 -4.46 -14.75 13.04
N LYS A 173 -3.22 -14.75 13.51
CA LYS A 173 -2.94 -14.78 14.95
C LYS A 173 -3.07 -13.36 15.47
N VAL A 174 -3.64 -13.20 16.66
CA VAL A 174 -3.69 -11.92 17.33
C VAL A 174 -2.34 -11.77 18.04
N PRO A 175 -1.48 -10.84 17.57
CA PRO A 175 -0.16 -10.74 18.19
C PRO A 175 -0.21 -10.05 19.56
N GLU A 176 0.81 -10.31 20.38
CA GLU A 176 0.95 -9.69 21.69
C GLU A 176 2.26 -8.91 21.75
N PRO A 177 2.35 -7.90 22.62
CA PRO A 177 3.64 -7.27 22.83
C PRO A 177 4.53 -8.17 23.68
N PHE A 178 5.83 -8.06 23.47
CA PHE A 178 6.78 -8.77 24.31
C PHE A 178 7.00 -7.92 25.56
N ILE A 179 6.52 -8.41 26.70
CA ILE A 179 6.44 -7.58 27.91
C ILE A 179 7.77 -7.41 28.68
N PRO A 180 8.53 -8.49 28.92
CA PRO A 180 9.74 -8.28 29.73
C PRO A 180 10.84 -7.50 28.99
N LYS A 181 11.45 -6.54 29.70
CA LYS A 181 12.47 -5.65 29.13
C LYS A 181 13.88 -6.23 29.24
N SER A 182 14.79 -5.61 28.48
CA SER A 182 16.19 -6.02 28.38
C SER A 182 16.88 -6.33 29.73
N GLY A 183 17.30 -5.28 30.43
CA GLY A 183 18.02 -5.43 31.70
C GLY A 183 18.90 -4.23 31.90
N ALA A 184 19.68 -3.93 30.85
CA ALA A 184 20.53 -2.76 30.80
C ALA A 184 19.74 -1.47 30.60
N ARG A 185 19.78 -0.59 31.60
CA ARG A 185 19.26 0.78 31.48
C ARG A 185 20.42 1.64 30.99
N VAL A 186 20.23 2.35 29.89
CA VAL A 186 21.28 3.17 29.30
C VAL A 186 20.70 4.54 28.97
N MET A 187 21.16 5.55 29.73
CA MET A 187 20.63 6.91 29.63
C MET A 187 21.58 7.84 28.88
N SER A 188 21.04 8.96 28.43
CA SER A 188 21.79 9.96 27.69
C SER A 188 22.91 10.55 28.54
N LEU A 189 24.06 10.80 27.92
CA LEU A 189 25.28 11.17 28.63
C LEU A 189 25.22 12.58 29.22
N LEU A 190 24.63 13.53 28.49
CA LEU A 190 24.44 14.91 28.97
C LEU A 190 23.05 15.16 29.58
N GLU A 191 22.17 14.16 29.54
CA GLU A 191 20.83 14.23 30.15
C GLU A 191 20.46 12.86 30.74
N PRO A 192 21.10 12.47 31.87
CA PRO A 192 20.90 11.14 32.45
C PRO A 192 19.47 10.79 32.87
N THR A 193 18.58 11.78 32.95
CA THR A 193 17.15 11.53 33.15
C THR A 193 16.47 10.93 31.92
N LYS A 194 16.92 11.32 30.72
CA LYS A 194 16.36 10.84 29.45
C LYS A 194 17.13 9.62 28.91
N LYS A 195 16.41 8.66 28.33
CA LYS A 195 17.01 7.43 27.80
C LYS A 195 17.87 7.73 26.57
N MET A 196 18.98 6.98 26.42
CA MET A 196 19.85 7.12 25.25
C MET A 196 19.08 6.60 24.05
N SER A 197 18.94 7.46 23.03
CA SER A 197 18.11 7.16 21.87
C SER A 197 18.88 7.37 20.57
N LYS A 198 18.76 6.41 19.66
CA LYS A 198 19.37 6.48 18.33
C LYS A 198 18.87 7.70 17.54
N SER A 199 17.62 8.08 17.77
CA SER A 199 17.01 9.25 17.11
C SER A 199 17.27 10.60 17.82
N ASP A 200 18.20 10.65 18.77
CA ASP A 200 18.58 11.91 19.42
C ASP A 200 19.29 12.79 18.41
N ASP A 201 19.10 14.10 18.52
CA ASP A 201 19.79 15.06 17.65
C ASP A 201 21.21 15.27 18.16
N ASN A 202 21.31 15.46 19.47
CA ASN A 202 22.58 15.65 20.14
C ASN A 202 23.35 14.33 20.10
N ARG A 203 24.45 14.32 19.36
CA ARG A 203 25.30 13.13 19.20
C ARG A 203 26.10 12.85 20.45
N ASN A 204 26.42 13.90 21.19
CA ASN A 204 27.18 13.77 22.44
C ASN A 204 26.37 13.10 23.57
N ASN A 205 25.06 12.96 23.39
CA ASN A 205 24.23 12.14 24.29
C ASN A 205 24.36 10.61 24.09
N VAL A 206 24.90 10.15 22.95
CA VAL A 206 24.90 8.72 22.60
C VAL A 206 26.30 8.17 22.30
N ILE A 207 26.47 6.87 22.51
CA ILE A 207 27.64 6.12 22.02
C ILE A 207 27.15 5.18 20.93
N GLY A 208 27.47 5.52 19.68
CA GLY A 208 27.18 4.66 18.53
C GLY A 208 28.03 3.40 18.52
N LEU A 209 27.50 2.34 17.93
CA LEU A 209 28.19 1.03 17.91
C LEU A 209 29.46 0.98 17.06
N LEU A 210 29.61 1.90 16.12
CA LEU A 210 30.82 1.97 15.27
C LEU A 210 31.80 3.09 15.67
N GLU A 211 31.61 3.69 16.84
CA GLU A 211 32.51 4.74 17.34
C GLU A 211 33.87 4.16 17.76
N ASP A 212 34.95 4.85 17.40
CA ASP A 212 36.31 4.41 17.76
C ASP A 212 36.65 4.80 19.21
N PRO A 213 37.69 4.16 19.80
CA PRO A 213 38.05 4.42 21.20
C PRO A 213 38.26 5.89 21.59
N LYS A 214 38.85 6.69 20.70
CA LYS A 214 39.07 8.11 20.96
C LYS A 214 37.76 8.89 21.09
N SER A 215 36.80 8.56 20.24
CA SER A 215 35.46 9.15 20.30
C SER A 215 34.71 8.76 21.59
N VAL A 216 34.85 7.51 22.02
CA VAL A 216 34.21 7.01 23.24
C VAL A 216 34.75 7.75 24.48
N VAL A 217 36.08 7.84 24.60
CA VAL A 217 36.72 8.56 25.72
C VAL A 217 36.21 10.00 25.82
N LYS A 218 36.19 10.68 24.67
CA LYS A 218 35.72 12.06 24.57
C LYS A 218 34.30 12.25 25.10
N LYS A 219 33.40 11.37 24.67
CA LYS A 219 31.99 11.46 25.08
C LYS A 219 31.75 11.06 26.55
N ILE A 220 32.46 10.03 27.02
CA ILE A 220 32.35 9.61 28.43
C ILE A 220 32.94 10.66 29.38
N LYS A 221 34.08 11.25 29.01
CA LYS A 221 34.69 12.30 29.87
C LYS A 221 33.81 13.55 29.99
N ARG A 222 33.07 13.87 28.94
CA ARG A 222 32.10 14.97 28.97
C ARG A 222 30.77 14.66 29.68
N ALA A 223 30.51 13.38 29.96
CA ALA A 223 29.24 12.93 30.57
C ALA A 223 29.03 13.57 31.93
N VAL A 224 27.80 14.03 32.18
CA VAL A 224 27.52 14.80 33.39
C VAL A 224 27.48 13.88 34.61
N THR A 225 27.91 14.42 35.74
CA THR A 225 28.01 13.67 36.99
C THR A 225 27.26 14.47 38.06
N ASP A 226 27.88 14.76 39.20
CA ASP A 226 27.26 15.59 40.24
C ASP A 226 28.33 16.37 40.99
N SER A 227 27.90 17.24 41.89
CA SER A 227 28.82 18.08 42.68
C SER A 227 29.05 17.58 44.12
N ASP A 228 28.91 16.27 44.36
CA ASP A 228 29.15 15.71 45.70
C ASP A 228 30.60 15.92 46.12
N GLU A 229 30.78 16.27 47.40
CA GLU A 229 32.10 16.47 47.99
C GLU A 229 32.19 15.69 49.30
N PRO A 230 33.09 14.70 49.42
CA PRO A 230 33.94 14.22 48.33
C PRO A 230 33.13 13.57 47.19
N PRO A 231 33.71 13.50 45.98
CA PRO A 231 33.05 12.70 44.96
C PRO A 231 32.95 11.26 45.45
N VAL A 232 31.81 10.63 45.23
CA VAL A 232 31.58 9.27 45.70
C VAL A 232 30.85 8.47 44.62
N VAL A 233 31.45 7.35 44.22
CA VAL A 233 30.88 6.45 43.20
C VAL A 233 29.88 5.52 43.89
N ARG A 234 28.63 5.99 43.97
CA ARG A 234 27.54 5.22 44.57
C ARG A 234 26.27 5.34 43.73
N TYR A 235 25.46 4.28 43.76
CA TYR A 235 24.26 4.20 42.94
C TYR A 235 23.10 4.93 43.62
N ASP A 236 22.54 5.91 42.92
CA ASP A 236 21.43 6.71 43.42
C ASP A 236 20.83 7.44 42.22
N VAL A 237 19.79 6.86 41.61
CA VAL A 237 19.21 7.38 40.36
C VAL A 237 18.60 8.76 40.57
N GLN A 238 17.95 8.97 41.72
CA GLN A 238 17.31 10.25 42.05
C GLN A 238 18.34 11.37 42.24
N ASN A 239 19.33 11.14 43.11
CA ASN A 239 20.30 12.18 43.51
C ASN A 239 21.59 12.22 42.70
N LYS A 240 21.97 11.08 42.10
CA LYS A 240 23.24 10.94 41.37
C LYS A 240 23.00 10.25 40.03
N ALA A 241 22.15 10.85 39.20
CA ALA A 241 21.71 10.26 37.93
C ALA A 241 22.87 9.97 36.97
N GLY A 242 23.77 10.93 36.82
CA GLY A 242 24.93 10.78 35.93
C GLY A 242 25.88 9.66 36.30
N VAL A 243 26.27 9.63 37.58
CA VAL A 243 27.16 8.59 38.11
C VAL A 243 26.48 7.22 38.06
N SER A 244 25.18 7.18 38.36
CA SER A 244 24.40 5.95 38.30
C SER A 244 24.33 5.37 36.90
N ASN A 245 24.17 6.23 35.89
CA ASN A 245 24.20 5.82 34.49
C ASN A 245 25.54 5.20 34.11
N LEU A 246 26.62 5.84 34.55
CA LEU A 246 27.98 5.33 34.29
C LEU A 246 28.17 3.96 34.91
N LEU A 247 27.65 3.77 36.13
CA LEU A 247 27.66 2.47 36.80
C LEU A 247 26.87 1.42 36.03
N ASP A 248 25.65 1.78 35.62
CA ASP A 248 24.78 0.88 34.84
C ASP A 248 25.42 0.47 33.51
N ILE A 249 26.03 1.43 32.81
CA ILE A 249 26.76 1.14 31.57
C ILE A 249 27.89 0.14 31.84
N LEU A 250 28.70 0.42 32.87
CA LEU A 250 29.84 -0.45 33.21
C LEU A 250 29.40 -1.84 33.65
N SER A 251 28.34 -1.91 34.45
CA SER A 251 27.75 -3.19 34.87
C SER A 251 27.22 -4.00 33.67
N ALA A 252 26.53 -3.31 32.76
CA ALA A 252 25.97 -3.94 31.56
C ALA A 252 27.05 -4.54 30.64
N VAL A 253 28.20 -3.87 30.54
CA VAL A 253 29.32 -4.38 29.74
C VAL A 253 29.99 -5.58 30.41
N THR A 254 30.44 -5.38 31.66
CA THR A 254 31.31 -6.35 32.33
C THR A 254 30.59 -7.49 33.03
N GLY A 255 29.30 -7.31 33.31
CA GLY A 255 28.55 -8.27 34.13
C GLY A 255 28.78 -8.18 35.63
N GLN A 256 29.60 -7.22 36.07
CA GLN A 256 29.86 -6.99 37.49
C GLN A 256 28.65 -6.29 38.09
N SER A 257 28.26 -6.68 39.29
CA SER A 257 27.11 -6.09 39.96
C SER A 257 27.40 -4.66 40.39
N ILE A 258 26.34 -3.90 40.61
CA ILE A 258 26.44 -2.52 41.11
C ILE A 258 27.18 -2.48 42.47
N PRO A 259 26.76 -3.29 43.47
CA PRO A 259 27.50 -3.26 44.74
C PRO A 259 28.96 -3.69 44.64
N GLU A 260 29.28 -4.57 43.70
CA GLU A 260 30.67 -4.93 43.42
C GLU A 260 31.47 -3.74 42.89
N LEU A 261 30.88 -3.00 41.94
CA LEU A 261 31.54 -1.82 41.37
C LEU A 261 31.68 -0.68 42.39
N GLU A 262 30.66 -0.48 43.22
CA GLU A 262 30.72 0.49 44.33
C GLU A 262 31.90 0.23 45.28
N LYS A 263 32.15 -1.05 45.57
CA LYS A 263 33.31 -1.47 46.37
C LYS A 263 34.62 -1.27 45.60
N GLN A 264 34.61 -1.62 44.31
CA GLN A 264 35.77 -1.42 43.43
C GLN A 264 36.20 0.05 43.31
N PHE A 265 35.23 0.98 43.34
CA PHE A 265 35.51 2.42 43.24
C PHE A 265 35.45 3.17 44.59
N GLU A 266 35.61 2.45 45.70
CA GLU A 266 35.63 3.08 47.03
C GLU A 266 36.86 3.99 47.15
N GLY A 267 36.63 5.25 47.51
CA GLY A 267 37.69 6.25 47.60
C GLY A 267 38.23 6.74 46.26
N LYS A 268 37.53 6.44 45.17
CA LYS A 268 37.93 6.82 43.83
C LYS A 268 37.01 7.94 43.32
N MET A 269 37.62 8.85 42.56
CA MET A 269 36.94 9.96 41.89
C MET A 269 36.23 9.56 40.59
N TYR A 270 35.46 10.50 40.04
CA TYR A 270 34.68 10.27 38.82
C TYR A 270 35.54 10.11 37.55
N GLY A 271 36.74 10.68 37.56
CA GLY A 271 37.72 10.47 36.49
C GLY A 271 38.12 9.02 36.30
N HIS A 272 38.34 8.30 37.39
CA HIS A 272 38.70 6.86 37.33
C HIS A 272 37.53 6.04 36.80
N LEU A 273 36.31 6.37 37.25
CA LEU A 273 35.11 5.71 36.77
C LEU A 273 34.99 5.85 35.25
N LYS A 274 35.02 7.09 34.78
CA LYS A 274 34.89 7.41 33.36
C LYS A 274 35.93 6.69 32.49
N GLY A 275 37.16 6.61 33.00
CA GLY A 275 38.24 5.88 32.33
C GLY A 275 37.95 4.41 32.15
N GLU A 276 37.47 3.77 33.21
CA GLU A 276 37.09 2.35 33.16
C GLU A 276 35.85 2.11 32.29
N VAL A 277 34.88 3.04 32.33
CA VAL A 277 33.68 2.96 31.48
C VAL A 277 34.08 3.00 30.00
N ALA A 278 34.89 3.98 29.64
CA ALA A 278 35.40 4.12 28.26
C ALA A 278 36.14 2.88 27.78
N ASP A 279 37.05 2.38 28.63
CA ASP A 279 37.81 1.16 28.34
C ASP A 279 36.93 -0.07 28.17
N ALA A 280 35.95 -0.24 29.06
CA ALA A 280 35.02 -1.36 29.00
C ALA A 280 34.15 -1.31 27.73
N VAL A 281 33.52 -0.17 27.48
CA VAL A 281 32.66 0.03 26.32
C VAL A 281 33.41 -0.20 25.00
N SER A 282 34.57 0.42 24.85
CA SER A 282 35.39 0.26 23.63
C SER A 282 35.93 -1.16 23.47
N GLY A 283 36.21 -1.84 24.57
CA GLY A 283 36.53 -3.27 24.56
C GLY A 283 35.41 -4.12 23.97
N MET A 284 34.18 -3.80 24.34
CA MET A 284 32.98 -4.45 23.79
C MET A 284 32.81 -4.13 22.30
N LEU A 285 32.92 -2.85 21.95
CA LEU A 285 32.68 -2.39 20.58
C LEU A 285 33.74 -2.83 19.56
N THR A 286 34.96 -3.14 20.01
CA THR A 286 36.03 -3.61 19.13
C THR A 286 35.70 -4.99 18.54
N GLU A 287 35.17 -5.88 19.36
CA GLU A 287 34.71 -7.20 18.90
C GLU A 287 33.54 -7.12 17.91
N LEU A 288 32.57 -6.26 18.19
CA LEU A 288 31.42 -6.05 17.30
C LEU A 288 31.83 -5.40 15.97
N GLN A 289 32.69 -4.40 16.06
CA GLN A 289 33.22 -3.71 14.87
C GLN A 289 34.03 -4.62 13.96
N GLU A 290 34.84 -5.51 14.56
CA GLU A 290 35.58 -6.53 13.80
C GLU A 290 34.63 -7.37 12.98
N ARG A 291 33.60 -7.90 13.64
CA ARG A 291 32.57 -8.70 12.98
C ARG A 291 31.82 -7.87 11.94
N TYR A 292 31.45 -6.64 12.30
CA TYR A 292 30.70 -5.74 11.40
C TYR A 292 31.39 -5.53 10.06
N HIS A 293 32.64 -5.06 10.11
CA HIS A 293 33.39 -4.73 8.90
C HIS A 293 33.67 -5.95 8.04
N ARG A 294 33.98 -7.08 8.69
CA ARG A 294 34.16 -8.36 8.02
C ARG A 294 32.91 -8.79 7.24
N PHE A 295 31.74 -8.67 7.85
CA PHE A 295 30.48 -8.98 7.18
C PHE A 295 30.08 -7.91 6.14
N ARG A 296 30.20 -6.64 6.53
CA ARG A 296 29.72 -5.53 5.69
C ARG A 296 30.46 -5.42 4.35
N ASN A 297 31.77 -5.66 4.37
CA ASN A 297 32.60 -5.61 3.15
C ASN A 297 32.47 -6.85 2.26
N ASP A 298 31.85 -7.91 2.76
CA ASP A 298 31.63 -9.14 2.00
C ASP A 298 30.27 -9.09 1.28
N GLU A 299 30.29 -8.53 0.07
CA GLU A 299 29.08 -8.36 -0.76
C GLU A 299 28.35 -9.67 -1.07
N ALA A 300 29.10 -10.71 -1.41
CA ALA A 300 28.53 -12.03 -1.74
C ALA A 300 27.84 -12.68 -0.54
N PHE A 301 28.44 -12.54 0.64
CA PHE A 301 27.85 -13.02 1.89
C PHE A 301 26.51 -12.33 2.17
N LEU A 302 26.50 -11.01 2.14
CA LEU A 302 25.28 -10.21 2.42
C LEU A 302 24.17 -10.53 1.42
N GLN A 303 24.53 -10.65 0.14
CA GLN A 303 23.58 -11.01 -0.91
C GLN A 303 22.94 -12.38 -0.66
N GLN A 304 23.75 -13.35 -0.22
CA GLN A 304 23.23 -14.70 0.07
C GLN A 304 22.34 -14.72 1.31
N VAL A 305 22.69 -13.93 2.33
CA VAL A 305 21.85 -13.78 3.52
C VAL A 305 20.47 -13.22 3.11
N MET A 306 20.46 -12.14 2.34
CA MET A 306 19.20 -11.50 1.89
C MET A 306 18.33 -12.42 1.03
N LYS A 307 18.96 -13.14 0.09
CA LYS A 307 18.27 -14.08 -0.78
C LYS A 307 17.63 -15.23 0.00
N ASP A 308 18.42 -15.86 0.85
CA ASP A 308 17.95 -16.96 1.73
C ASP A 308 16.81 -16.52 2.63
N GLY A 309 16.98 -15.36 3.27
CA GLY A 309 15.97 -14.80 4.17
C GLY A 309 14.66 -14.48 3.47
N ALA A 310 14.75 -13.79 2.34
CA ALA A 310 13.58 -13.48 1.51
C ALA A 310 12.83 -14.75 1.11
N GLU A 311 13.57 -15.80 0.76
CA GLU A 311 12.98 -17.09 0.38
C GLU A 311 12.18 -17.71 1.54
N LYS A 312 12.76 -17.70 2.74
CA LYS A 312 12.07 -18.21 3.94
C LYS A 312 10.81 -17.41 4.26
N ALA A 313 10.97 -16.08 4.32
CA ALA A 313 9.87 -15.16 4.58
C ALA A 313 8.72 -15.36 3.59
N SER A 314 9.06 -15.39 2.30
CA SER A 314 8.09 -15.54 1.22
C SER A 314 7.26 -16.84 1.32
N ALA A 315 7.91 -17.94 1.70
CA ALA A 315 7.23 -19.23 1.89
C ALA A 315 6.09 -19.11 2.92
N HIS A 316 6.36 -18.47 4.04
CA HIS A 316 5.37 -18.26 5.09
C HIS A 316 4.34 -17.19 4.69
N ALA A 317 4.83 -16.05 4.21
CA ALA A 317 3.98 -14.92 3.83
C ALA A 317 2.93 -15.31 2.78
N SER A 318 3.36 -16.04 1.75
CA SER A 318 2.45 -16.51 0.68
C SER A 318 1.31 -17.40 1.18
N ARG A 319 1.60 -18.22 2.20
CA ARG A 319 0.59 -19.08 2.83
C ARG A 319 -0.53 -18.25 3.47
N THR A 320 -0.15 -17.24 4.27
CA THR A 320 -1.13 -16.34 4.89
C THR A 320 -1.91 -15.53 3.85
N LEU A 321 -1.20 -14.91 2.89
CA LEU A 321 -1.84 -14.06 1.87
C LEU A 321 -2.86 -14.84 1.02
N LYS A 322 -2.54 -16.10 0.73
CA LYS A 322 -3.45 -16.97 -0.02
C LYS A 322 -4.76 -17.22 0.75
N ALA A 323 -4.65 -17.46 2.06
CA ALA A 323 -5.83 -17.58 2.94
C ALA A 323 -6.62 -16.27 3.04
N VAL A 324 -5.91 -15.15 3.11
CA VAL A 324 -6.54 -13.82 3.13
C VAL A 324 -7.31 -13.57 1.82
N TYR A 325 -6.65 -13.83 0.70
CA TYR A 325 -7.23 -13.67 -0.64
C TYR A 325 -8.44 -14.60 -0.89
N GLU A 326 -8.33 -15.83 -0.41
CA GLU A 326 -9.44 -16.79 -0.46
C GLU A 326 -10.66 -16.32 0.35
N ALA A 327 -10.39 -15.77 1.54
CA ALA A 327 -11.44 -15.28 2.45
C ALA A 327 -12.19 -14.06 1.88
N ILE A 328 -11.42 -13.09 1.38
CA ILE A 328 -11.97 -11.92 0.69
C ILE A 328 -12.80 -12.33 -0.53
N GLY A 329 -12.37 -13.38 -1.22
CA GLY A 329 -13.08 -13.92 -2.38
C GLY A 329 -12.45 -13.61 -3.74
N PHE A 330 -11.20 -13.14 -3.77
CA PHE A 330 -10.52 -12.88 -5.04
C PHE A 330 -10.37 -14.17 -5.83
N VAL A 331 -10.53 -14.08 -7.15
CA VAL A 331 -10.22 -15.20 -8.04
C VAL A 331 -8.73 -15.51 -7.90
N ALA A 332 -8.42 -16.77 -7.61
CA ALA A 332 -7.03 -17.21 -7.41
C ALA A 332 -6.21 -17.08 -8.68
N LYS A 333 -4.93 -16.72 -8.52
CA LYS A 333 -4.04 -16.51 -9.65
C LYS A 333 -3.81 -17.80 -10.43
N ARG A 334 -3.69 -17.68 -11.75
CA ARG A 334 -3.40 -18.82 -12.64
C ARG A 334 -1.88 -18.83 -12.90
N HIS A 335 -1.19 -19.82 -12.35
CA HIS A 335 0.27 -19.90 -12.47
C HIS A 335 0.71 -20.58 -13.75
N THR B 2 7.55 0.23 -31.20
CA THR B 2 6.37 -0.26 -30.41
C THR B 2 5.25 0.78 -30.42
N LYS B 3 4.02 0.30 -30.29
CA LYS B 3 2.84 1.17 -30.27
C LYS B 3 2.75 1.92 -28.94
N PRO B 4 2.07 3.08 -28.92
CA PRO B 4 1.73 3.68 -27.63
C PRO B 4 0.80 2.77 -26.83
N ILE B 5 0.89 2.87 -25.50
CA ILE B 5 0.20 1.95 -24.61
C ILE B 5 -1.09 2.56 -24.06
N VAL B 6 -2.16 1.75 -24.10
CA VAL B 6 -3.45 2.07 -23.51
C VAL B 6 -3.63 1.20 -22.26
N PHE B 7 -4.01 1.82 -21.15
CA PHE B 7 -4.42 1.10 -19.94
C PHE B 7 -5.73 1.64 -19.41
N SER B 8 -6.63 0.74 -19.03
CA SER B 8 -7.82 1.11 -18.28
C SER B 8 -8.37 -0.07 -17.50
N GLY B 9 -9.26 0.23 -16.56
CA GLY B 9 -9.81 -0.79 -15.66
C GLY B 9 -11.26 -0.55 -15.30
N ALA B 10 -11.90 -1.60 -14.79
CA ALA B 10 -13.26 -1.51 -14.24
C ALA B 10 -13.41 -2.46 -13.06
N GLN B 11 -14.25 -2.07 -12.11
CA GLN B 11 -14.40 -2.80 -10.86
C GLN B 11 -15.33 -3.98 -11.03
N PRO B 12 -14.99 -5.15 -10.45
CA PRO B 12 -15.96 -6.24 -10.33
C PRO B 12 -16.83 -6.07 -9.07
N SER B 13 -17.64 -5.02 -9.08
CA SER B 13 -18.55 -4.70 -7.98
C SER B 13 -19.77 -4.02 -8.58
N GLY B 14 -20.93 -4.25 -7.98
CA GLY B 14 -22.18 -3.84 -8.59
C GLY B 14 -22.39 -4.57 -9.90
N GLU B 15 -23.07 -3.91 -10.84
CA GLU B 15 -23.40 -4.51 -12.14
C GLU B 15 -23.20 -3.46 -13.23
N LEU B 16 -22.25 -3.71 -14.13
CA LEU B 16 -21.84 -2.70 -15.12
C LEU B 16 -23.00 -2.26 -16.00
N THR B 17 -23.04 -0.94 -16.28
CA THR B 17 -24.19 -0.30 -16.92
C THR B 17 -23.83 0.20 -18.31
N ILE B 18 -24.84 0.69 -19.01
CA ILE B 18 -24.66 1.42 -20.28
C ILE B 18 -23.71 2.62 -20.10
N GLY B 19 -23.74 3.25 -18.93
CA GLY B 19 -22.81 4.31 -18.56
C GLY B 19 -21.36 3.85 -18.61
N ASN B 20 -21.07 2.75 -17.91
CA ASN B 20 -19.73 2.15 -17.92
C ASN B 20 -19.29 1.78 -19.35
N TYR B 21 -20.23 1.28 -20.15
CA TYR B 21 -19.96 0.92 -21.54
C TYR B 21 -19.58 2.12 -22.41
N MET B 22 -20.44 3.14 -22.44
CA MET B 22 -20.24 4.32 -23.31
C MET B 22 -19.05 5.17 -22.88
N GLY B 23 -18.89 5.35 -21.59
CA GLY B 23 -17.78 6.14 -21.04
C GLY B 23 -16.42 5.49 -21.18
N ALA B 24 -16.37 4.16 -21.17
CA ALA B 24 -15.11 3.42 -21.12
C ALA B 24 -15.04 2.28 -22.13
N LEU B 25 -15.86 1.25 -21.95
CA LEU B 25 -15.69 -0.02 -22.68
C LEU B 25 -15.78 0.10 -24.21
N ARG B 26 -16.66 0.97 -24.71
CA ARG B 26 -16.77 1.23 -26.16
C ARG B 26 -15.43 1.68 -26.75
N GLN B 27 -14.75 2.59 -26.05
CA GLN B 27 -13.46 3.12 -26.51
C GLN B 27 -12.38 2.05 -26.41
N TRP B 28 -12.44 1.23 -25.35
CA TRP B 28 -11.51 0.11 -25.17
C TRP B 28 -11.48 -0.81 -26.40
N VAL B 29 -12.66 -1.10 -26.93
CA VAL B 29 -12.80 -2.00 -28.08
C VAL B 29 -12.27 -1.33 -29.36
N ASN B 30 -12.58 -0.05 -29.53
CA ASN B 30 -12.18 0.71 -30.72
C ASN B 30 -10.67 1.00 -30.82
N MET B 31 -9.99 1.01 -29.67
CA MET B 31 -8.55 1.33 -29.62
C MET B 31 -7.60 0.14 -29.81
N GLN B 32 -8.14 -1.09 -29.88
CA GLN B 32 -7.33 -2.33 -29.83
C GLN B 32 -6.26 -2.52 -30.90
N ASP B 33 -6.56 -2.15 -32.13
CA ASP B 33 -5.58 -2.26 -33.23
C ASP B 33 -4.64 -1.06 -33.23
N ASP B 34 -5.21 0.13 -33.03
CA ASP B 34 -4.47 1.39 -33.11
C ASP B 34 -3.37 1.56 -32.06
N TYR B 35 -3.58 0.98 -30.87
CA TYR B 35 -2.64 1.09 -29.76
C TYR B 35 -2.44 -0.27 -29.11
N HIS B 36 -1.39 -0.39 -28.30
CA HIS B 36 -1.14 -1.60 -27.51
C HIS B 36 -1.98 -1.51 -26.24
N CYS B 37 -3.05 -2.31 -26.19
CA CYS B 37 -4.09 -2.13 -25.17
C CYS B 37 -4.00 -3.16 -24.04
N ILE B 38 -4.16 -2.66 -22.81
CA ILE B 38 -4.10 -3.46 -21.59
C ILE B 38 -5.33 -3.12 -20.75
N TYR B 39 -6.16 -4.12 -20.44
CA TYR B 39 -7.41 -3.89 -19.70
C TYR B 39 -7.49 -4.77 -18.45
N CYS B 40 -7.88 -4.16 -17.34
CA CYS B 40 -7.77 -4.75 -16.02
C CYS B 40 -9.12 -4.87 -15.34
N ILE B 41 -9.35 -5.99 -14.64
CA ILE B 41 -10.49 -6.13 -13.72
C ILE B 41 -9.92 -5.78 -12.34
N VAL B 42 -10.31 -4.61 -11.82
CA VAL B 42 -9.67 -4.06 -10.61
C VAL B 42 -10.36 -4.53 -9.32
N ASP B 43 -10.15 -5.80 -9.00
CA ASP B 43 -10.72 -6.41 -7.79
C ASP B 43 -10.19 -5.81 -6.48
N GLN B 44 -8.93 -5.36 -6.47
CA GLN B 44 -8.39 -4.68 -5.29
C GLN B 44 -9.04 -3.31 -5.01
N HIS B 45 -9.43 -2.59 -6.07
CA HIS B 45 -10.25 -1.38 -5.91
C HIS B 45 -11.69 -1.68 -5.47
N ALA B 46 -12.27 -2.75 -6.02
CA ALA B 46 -13.65 -3.14 -5.71
C ALA B 46 -13.92 -3.30 -4.20
N ILE B 47 -12.96 -3.89 -3.49
CA ILE B 47 -13.11 -4.15 -2.05
C ILE B 47 -12.97 -2.92 -1.12
N THR B 48 -12.75 -1.73 -1.68
CA THR B 48 -12.89 -0.48 -0.92
C THR B 48 -14.35 -0.20 -0.49
N VAL B 49 -15.31 -0.83 -1.19
CA VAL B 49 -16.69 -0.96 -0.71
C VAL B 49 -16.84 -2.45 -0.33
N ARG B 50 -17.40 -2.70 0.85
CA ARG B 50 -17.46 -4.06 1.40
C ARG B 50 -18.24 -5.01 0.49
N GLN B 51 -17.60 -6.11 0.11
CA GLN B 51 -18.17 -7.10 -0.80
C GLN B 51 -18.39 -8.43 -0.09
N ASP B 52 -19.50 -9.08 -0.42
CA ASP B 52 -19.68 -10.49 -0.12
C ASP B 52 -18.65 -11.29 -0.93
N ALA B 53 -17.99 -12.25 -0.30
CA ALA B 53 -16.89 -12.99 -0.93
C ALA B 53 -17.29 -13.78 -2.17
N GLN B 54 -18.46 -14.43 -2.11
CA GLN B 54 -18.99 -15.18 -3.26
C GLN B 54 -19.37 -14.26 -4.41
N LYS B 55 -20.00 -13.12 -4.07
CA LYS B 55 -20.39 -12.12 -5.07
C LYS B 55 -19.18 -11.51 -5.78
N LEU B 56 -18.12 -11.25 -5.03
CA LEU B 56 -16.87 -10.70 -5.58
C LEU B 56 -16.23 -11.63 -6.61
N ARG B 57 -16.13 -12.91 -6.25
CA ARG B 57 -15.54 -13.92 -7.13
C ARG B 57 -16.34 -14.05 -8.42
N LYS B 58 -17.66 -14.19 -8.26
CA LYS B 58 -18.56 -14.29 -9.41
C LYS B 58 -18.49 -13.04 -10.30
N ALA B 59 -18.55 -11.88 -9.66
CA ALA B 59 -18.47 -10.58 -10.36
C ALA B 59 -17.17 -10.37 -11.12
N THR B 60 -16.06 -10.89 -10.59
CA THR B 60 -14.76 -10.83 -11.28
C THR B 60 -14.86 -11.59 -12.61
N LEU B 61 -15.45 -12.77 -12.56
CA LEU B 61 -15.61 -13.61 -13.75
C LEU B 61 -16.69 -13.07 -14.69
N ASP B 62 -17.76 -12.50 -14.14
CA ASP B 62 -18.77 -11.78 -14.93
C ASP B 62 -18.12 -10.66 -15.75
N THR B 63 -17.31 -9.84 -15.07
CA THR B 63 -16.66 -8.68 -15.69
C THR B 63 -15.71 -9.10 -16.82
N LEU B 64 -14.91 -10.13 -16.56
CA LEU B 64 -14.01 -10.71 -17.56
C LEU B 64 -14.79 -11.15 -18.81
N ALA B 65 -15.85 -11.93 -18.59
CA ALA B 65 -16.72 -12.40 -19.67
C ALA B 65 -17.36 -11.23 -20.45
N LEU B 66 -17.71 -10.17 -19.73
CA LEU B 66 -18.30 -8.97 -20.34
C LEU B 66 -17.33 -8.19 -21.21
N TYR B 67 -16.06 -8.10 -20.80
CA TYR B 67 -15.01 -7.53 -21.64
C TYR B 67 -14.96 -8.28 -22.96
N LEU B 68 -14.93 -9.62 -22.88
CA LEU B 68 -14.88 -10.47 -24.05
C LEU B 68 -16.12 -10.29 -24.93
N ALA B 69 -17.29 -10.26 -24.30
CA ALA B 69 -18.56 -10.01 -25.00
C ALA B 69 -18.62 -8.66 -25.74
N CYS B 70 -18.07 -7.61 -25.13
CA CYS B 70 -17.99 -6.28 -25.78
C CYS B 70 -17.10 -6.26 -27.03
N GLY B 71 -16.22 -7.24 -27.17
CA GLY B 71 -15.28 -7.33 -28.29
C GLY B 71 -13.82 -7.18 -27.92
N ILE B 72 -13.51 -7.20 -26.61
CA ILE B 72 -12.10 -7.19 -26.18
C ILE B 72 -11.51 -8.57 -26.52
N ASP B 73 -10.59 -8.55 -27.47
CA ASP B 73 -9.95 -9.73 -28.02
C ASP B 73 -8.64 -10.05 -27.27
N PRO B 74 -8.55 -11.24 -26.63
CA PRO B 74 -7.31 -11.60 -25.92
C PRO B 74 -6.07 -11.82 -26.81
N GLU B 75 -6.27 -11.97 -28.12
CA GLU B 75 -5.15 -12.00 -29.08
C GLU B 75 -4.56 -10.61 -29.36
N LYS B 76 -5.37 -9.57 -29.17
CA LYS B 76 -4.96 -8.18 -29.43
C LYS B 76 -4.57 -7.45 -28.15
N SER B 77 -5.36 -7.62 -27.09
CA SER B 77 -5.17 -6.93 -25.83
C SER B 77 -4.75 -7.86 -24.70
N THR B 78 -4.08 -7.29 -23.70
CA THR B 78 -3.79 -7.96 -22.44
C THR B 78 -5.00 -7.77 -21.52
N ILE B 79 -5.56 -8.87 -21.03
CA ILE B 79 -6.71 -8.84 -20.12
C ILE B 79 -6.31 -9.60 -18.86
N PHE B 80 -6.36 -8.93 -17.70
CA PHE B 80 -5.93 -9.56 -16.44
C PHE B 80 -6.68 -9.05 -15.23
N VAL B 81 -6.59 -9.83 -14.15
CA VAL B 81 -7.16 -9.48 -12.86
C VAL B 81 -6.06 -8.82 -12.03
N GLN B 82 -6.40 -7.69 -11.43
CA GLN B 82 -5.45 -6.81 -10.73
C GLN B 82 -4.65 -7.51 -9.61
N SER B 83 -5.35 -8.27 -8.77
CA SER B 83 -4.72 -8.98 -7.65
C SER B 83 -3.74 -10.09 -8.08
N HIS B 84 -3.82 -10.54 -9.33
CA HIS B 84 -2.86 -11.53 -9.88
C HIS B 84 -1.46 -10.97 -10.15
N VAL B 85 -1.32 -9.64 -10.17
CA VAL B 85 -0.03 -8.98 -10.44
C VAL B 85 0.35 -8.17 -9.17
N PRO B 86 1.23 -8.75 -8.30
CA PRO B 86 1.67 -8.10 -7.05
C PRO B 86 2.23 -6.68 -7.17
N GLU B 87 2.86 -6.39 -8.31
CA GLU B 87 3.45 -5.07 -8.61
C GLU B 87 2.51 -3.88 -8.43
N HIS B 88 1.21 -4.09 -8.64
CA HIS B 88 0.20 -3.03 -8.43
C HIS B 88 0.16 -2.54 -6.98
N ALA B 89 0.13 -3.49 -6.04
CA ALA B 89 0.19 -3.18 -4.60
C ALA B 89 1.56 -2.64 -4.18
N GLN B 90 2.61 -3.17 -4.78
CA GLN B 90 3.98 -2.74 -4.49
C GLN B 90 4.21 -1.27 -4.88
N LEU B 91 3.88 -0.93 -6.11
CA LEU B 91 4.01 0.45 -6.58
C LEU B 91 2.97 1.36 -5.91
N GLY B 92 1.79 0.81 -5.63
CA GLY B 92 0.77 1.51 -4.85
C GLY B 92 1.27 2.02 -3.52
N TRP B 93 2.00 1.18 -2.77
CA TRP B 93 2.58 1.63 -1.51
C TRP B 93 3.65 2.70 -1.75
N ALA B 94 4.59 2.42 -2.65
CA ALA B 94 5.70 3.33 -2.91
C ALA B 94 5.21 4.74 -3.31
N LEU B 95 4.16 4.80 -4.13
CA LEU B 95 3.60 6.07 -4.58
C LEU B 95 2.83 6.83 -3.49
N ASN B 96 2.37 6.15 -2.42
CA ASN B 96 1.85 6.84 -1.23
C ASN B 96 2.85 7.87 -0.69
N CYS B 97 4.14 7.52 -0.73
CA CYS B 97 5.20 8.39 -0.23
C CYS B 97 5.51 9.61 -1.10
N TYR B 98 4.97 9.65 -2.32
CA TYR B 98 5.08 10.81 -3.22
C TYR B 98 3.71 11.41 -3.55
N THR B 99 2.73 11.14 -2.69
CA THR B 99 1.38 11.69 -2.80
C THR B 99 1.07 12.41 -1.49
N TYR B 100 0.52 13.61 -1.59
CA TYR B 100 0.18 14.41 -0.39
C TYR B 100 -1.20 14.03 0.15
N PHE B 101 -1.34 14.12 1.46
CA PHE B 101 -2.61 13.86 2.15
C PHE B 101 -3.75 14.70 1.57
N GLY B 102 -3.49 16.00 1.43
CA GLY B 102 -4.48 16.96 0.91
C GLY B 102 -5.00 16.68 -0.49
N GLU B 103 -4.15 16.08 -1.33
CA GLU B 103 -4.57 15.64 -2.67
C GLU B 103 -5.65 14.54 -2.61
N LEU B 104 -5.58 13.67 -1.61
CA LEU B 104 -6.51 12.56 -1.46
C LEU B 104 -7.81 12.94 -0.74
N SER B 105 -7.72 13.75 0.31
CA SER B 105 -8.90 14.22 1.05
C SER B 105 -9.83 15.10 0.21
N ARG B 106 -9.27 15.85 -0.75
CA ARG B 106 -10.04 16.72 -1.64
C ARG B 106 -10.82 15.98 -2.74
N MET B 107 -10.62 14.67 -2.90
CA MET B 107 -11.22 13.92 -4.01
C MET B 107 -12.75 13.79 -3.88
N THR B 108 -13.43 14.07 -5.00
CA THR B 108 -14.89 13.99 -5.10
C THR B 108 -15.42 12.57 -4.85
N GLN B 109 -14.75 11.57 -5.41
CA GLN B 109 -15.18 10.18 -5.28
C GLN B 109 -15.10 9.70 -3.82
N PHE B 110 -14.00 10.04 -3.14
CA PHE B 110 -13.85 9.74 -1.71
C PHE B 110 -14.97 10.37 -0.87
N LYS B 111 -15.30 11.62 -1.18
CA LYS B 111 -16.38 12.35 -0.50
C LYS B 111 -17.76 11.74 -0.76
N ASP B 112 -18.05 11.41 -2.02
CA ASP B 112 -19.34 10.80 -2.39
C ASP B 112 -19.52 9.41 -1.77
N LYS B 113 -18.48 8.59 -1.85
CA LYS B 113 -18.51 7.24 -1.30
C LYS B 113 -18.54 7.22 0.24
N SER B 114 -17.86 8.19 0.86
CA SER B 114 -17.87 8.33 2.32
C SER B 114 -19.26 8.70 2.87
N ALA B 115 -19.92 9.63 2.20
CA ALA B 115 -21.30 10.01 2.55
C ALA B 115 -22.26 8.84 2.36
N ARG B 116 -22.01 8.03 1.33
CA ARG B 116 -22.83 6.87 1.05
C ARG B 116 -22.59 5.70 1.99
N TYR B 117 -21.33 5.46 2.35
CA TYR B 117 -20.95 4.34 3.23
C TYR B 117 -20.31 4.86 4.50
N ALA B 118 -21.11 5.58 5.29
CA ALA B 118 -20.66 6.16 6.55
C ALA B 118 -20.16 5.12 7.57
N GLU B 119 -20.70 3.90 7.49
CA GLU B 119 -20.27 2.79 8.35
C GLU B 119 -18.95 2.11 7.92
N ASN B 120 -18.39 2.49 6.76
CA ASN B 120 -17.15 1.89 6.28
C ASN B 120 -16.34 2.91 5.45
N ILE B 121 -15.97 4.01 6.10
CA ILE B 121 -15.03 4.99 5.55
C ILE B 121 -13.66 4.45 5.88
N ASN B 122 -13.13 3.63 4.97
CA ASN B 122 -11.87 2.90 5.20
C ASN B 122 -10.68 3.53 4.48
N ALA B 123 -9.49 3.12 4.90
CA ALA B 123 -8.23 3.64 4.33
C ALA B 123 -8.05 3.30 2.85
N GLY B 124 -8.62 2.18 2.41
CA GLY B 124 -8.59 1.80 1.00
C GLY B 124 -9.32 2.80 0.12
N LEU B 125 -10.50 3.20 0.59
CA LEU B 125 -11.34 4.20 -0.09
C LEU B 125 -10.63 5.56 -0.21
N PHE B 126 -9.92 5.94 0.86
CA PHE B 126 -9.08 7.15 0.88
C PHE B 126 -7.89 7.03 -0.07
N ASP B 127 -7.18 5.91 0.04
CA ASP B 127 -5.98 5.64 -0.75
C ASP B 127 -6.26 5.21 -2.20
N TYR B 128 -7.54 5.03 -2.54
CA TYR B 128 -8.00 4.65 -3.90
C TYR B 128 -7.19 5.28 -5.06
N PRO B 129 -7.02 6.62 -5.10
CA PRO B 129 -6.33 7.22 -6.25
C PRO B 129 -4.86 6.80 -6.45
N VAL B 130 -4.17 6.47 -5.36
CA VAL B 130 -2.74 6.13 -5.42
C VAL B 130 -2.54 4.77 -6.08
N LEU B 131 -3.35 3.78 -5.68
CA LEU B 131 -3.34 2.47 -6.32
C LEU B 131 -3.72 2.59 -7.79
N MET B 132 -4.70 3.46 -8.09
CA MET B 132 -5.11 3.72 -9.46
C MET B 132 -3.97 4.31 -10.29
N ALA B 133 -3.25 5.27 -9.73
CA ALA B 133 -2.03 5.80 -10.34
C ALA B 133 -0.99 4.71 -10.60
N ALA B 134 -0.79 3.84 -9.62
CA ALA B 134 0.13 2.70 -9.77
C ALA B 134 -0.29 1.77 -10.91
N ASP B 135 -1.59 1.47 -10.99
CA ASP B 135 -2.13 0.67 -12.10
C ASP B 135 -1.69 1.23 -13.47
N ILE B 136 -1.83 2.54 -13.63
CA ILE B 136 -1.54 3.22 -14.89
C ILE B 136 -0.03 3.28 -15.15
N LEU B 137 0.71 3.75 -14.14
CA LEU B 137 2.14 4.03 -14.31
C LEU B 137 3.03 2.79 -14.50
N LEU B 138 2.57 1.63 -14.02
CA LEU B 138 3.31 0.37 -14.21
C LEU B 138 3.58 0.01 -15.66
N TYR B 139 2.67 0.37 -16.56
CA TYR B 139 2.71 -0.09 -17.97
C TYR B 139 3.20 0.95 -18.97
N GLN B 140 3.87 2.01 -18.50
CA GLN B 140 4.37 3.09 -19.35
C GLN B 140 3.23 3.64 -20.23
N THR B 141 2.10 3.90 -19.57
CA THR B 141 0.84 4.19 -20.27
C THR B 141 0.83 5.59 -20.88
N ASN B 142 0.41 5.65 -22.14
CA ASN B 142 0.25 6.91 -22.87
C ASN B 142 -1.19 7.43 -22.81
N LEU B 143 -2.17 6.54 -22.98
CA LEU B 143 -3.60 6.91 -23.00
C LEU B 143 -4.42 6.10 -22.01
N VAL B 144 -5.35 6.77 -21.32
CA VAL B 144 -6.22 6.14 -20.33
C VAL B 144 -7.68 6.47 -20.69
N PRO B 145 -8.39 5.51 -21.34
CA PRO B 145 -9.80 5.74 -21.68
C PRO B 145 -10.74 5.55 -20.50
N VAL B 146 -11.33 6.65 -20.03
CA VAL B 146 -12.27 6.65 -18.91
C VAL B 146 -13.43 7.60 -19.15
N GLY B 147 -14.45 7.49 -18.32
CA GLY B 147 -15.53 8.47 -18.26
C GLY B 147 -15.10 9.73 -17.53
N GLU B 148 -15.94 10.76 -17.61
CA GLU B 148 -15.66 12.08 -17.02
C GLU B 148 -15.40 12.03 -15.51
N ASP B 149 -16.12 11.15 -14.81
CA ASP B 149 -16.03 11.05 -13.35
C ASP B 149 -14.65 10.62 -12.80
N GLN B 150 -13.81 10.03 -13.66
CA GLN B 150 -12.44 9.66 -13.29
C GLN B 150 -11.35 10.67 -13.70
N LYS B 151 -11.77 11.83 -14.21
CA LYS B 151 -10.82 12.86 -14.66
C LYS B 151 -9.92 13.37 -13.53
N GLN B 152 -10.53 13.59 -12.36
CA GLN B 152 -9.79 14.08 -11.18
C GLN B 152 -8.69 13.09 -10.77
N HIS B 153 -9.06 11.82 -10.65
CA HIS B 153 -8.12 10.73 -10.35
C HIS B 153 -6.94 10.68 -11.33
N LEU B 154 -7.27 10.77 -12.62
CA LEU B 154 -6.26 10.72 -13.67
C LEU B 154 -5.31 11.93 -13.64
N GLU B 155 -5.83 13.10 -13.29
CA GLU B 155 -5.01 14.31 -13.11
C GLU B 155 -3.97 14.12 -12.02
N LEU B 156 -4.35 13.50 -10.90
CA LEU B 156 -3.40 13.21 -9.82
C LEU B 156 -2.32 12.24 -10.29
N SER B 157 -2.69 11.22 -11.06
CA SER B 157 -1.71 10.24 -11.58
C SER B 157 -0.66 10.93 -12.47
N ARG B 158 -1.09 11.94 -13.22
CA ARG B 158 -0.17 12.80 -13.98
C ARG B 158 0.76 13.59 -13.05
N ASP B 159 0.19 14.19 -12.00
CA ASP B 159 0.97 14.93 -10.99
C ASP B 159 2.00 14.05 -10.30
N ILE B 160 1.60 12.85 -9.89
CA ILE B 160 2.52 11.89 -9.24
C ILE B 160 3.64 11.48 -10.21
N ALA B 161 3.28 11.20 -11.46
CA ALA B 161 4.26 10.83 -12.48
C ALA B 161 5.31 11.92 -12.69
N GLN B 162 4.85 13.16 -12.89
CA GLN B 162 5.73 14.32 -13.08
C GLN B 162 6.61 14.59 -11.85
N ARG B 163 6.01 14.50 -10.67
CA ARG B 163 6.72 14.71 -9.40
C ARG B 163 7.82 13.68 -9.16
N PHE B 164 7.52 12.41 -9.45
CA PHE B 164 8.50 11.32 -9.34
C PHE B 164 9.60 11.47 -10.39
N ASN B 165 9.21 11.75 -11.63
CA ASN B 165 10.16 11.94 -12.72
C ASN B 165 11.15 13.10 -12.48
N ALA B 166 10.66 14.19 -11.91
CA ALA B 166 11.48 15.37 -11.61
C ALA B 166 12.61 15.04 -10.64
N LEU B 167 12.34 14.16 -9.69
CA LEU B 167 13.34 13.68 -8.73
C LEU B 167 14.29 12.64 -9.32
N TYR B 168 13.75 11.69 -10.07
CA TYR B 168 14.47 10.45 -10.41
C TYR B 168 14.80 10.19 -11.89
N GLY B 169 14.23 10.98 -12.80
CA GLY B 169 14.47 10.81 -14.25
C GLY B 169 13.26 10.25 -14.99
N GLU B 170 13.48 9.70 -16.17
CA GLU B 170 12.39 9.27 -17.06
C GLU B 170 11.86 7.88 -16.70
N ILE B 171 11.29 7.77 -15.51
CA ILE B 171 10.87 6.48 -14.95
C ILE B 171 9.47 6.12 -15.45
N PHE B 172 8.57 7.10 -15.42
CA PHE B 172 7.20 6.93 -15.89
C PHE B 172 6.93 7.75 -17.16
N LYS B 173 5.99 7.27 -17.96
CA LYS B 173 5.32 8.11 -18.95
C LYS B 173 4.25 8.93 -18.23
N VAL B 174 4.05 10.17 -18.67
CA VAL B 174 2.95 10.98 -18.15
C VAL B 174 1.71 10.65 -19.00
N PRO B 175 0.68 10.03 -18.39
CA PRO B 175 -0.48 9.57 -19.16
C PRO B 175 -1.45 10.69 -19.52
N GLU B 176 -2.23 10.49 -20.58
CA GLU B 176 -3.27 11.44 -20.98
C GLU B 176 -4.66 10.81 -20.91
N PRO B 177 -5.68 11.60 -20.51
CA PRO B 177 -7.06 11.10 -20.59
C PRO B 177 -7.54 10.94 -22.02
N PHE B 178 -8.36 9.93 -22.24
CA PHE B 178 -9.12 9.79 -23.48
C PHE B 178 -10.60 9.64 -23.10
N ILE B 179 -11.29 10.77 -23.04
CA ILE B 179 -12.70 10.83 -22.65
C ILE B 179 -13.51 11.08 -23.94
N PRO B 180 -14.59 10.31 -24.15
CA PRO B 180 -15.32 10.44 -25.41
C PRO B 180 -16.16 11.72 -25.50
N LYS B 181 -16.50 12.12 -26.72
CA LYS B 181 -17.30 13.31 -26.98
C LYS B 181 -18.74 13.13 -26.51
N SER B 182 -19.30 11.95 -26.78
CA SER B 182 -20.62 11.57 -26.28
C SER B 182 -20.51 10.41 -25.29
N GLY B 183 -21.45 10.36 -24.35
CA GLY B 183 -21.57 9.25 -23.41
C GLY B 183 -20.48 9.19 -22.34
N ALA B 184 -19.78 10.30 -22.10
CA ALA B 184 -18.73 10.36 -21.09
C ALA B 184 -19.28 10.35 -19.66
N ARG B 185 -20.55 10.74 -19.51
CA ARG B 185 -21.21 10.74 -18.20
C ARG B 185 -22.72 10.51 -18.39
N VAL B 186 -23.10 9.25 -18.59
CA VAL B 186 -24.49 8.86 -18.77
C VAL B 186 -25.19 9.05 -17.42
N MET B 187 -26.39 9.64 -17.46
CA MET B 187 -27.12 10.04 -16.26
C MET B 187 -28.27 9.09 -15.95
N SER B 188 -28.72 9.13 -14.70
CA SER B 188 -29.78 8.26 -14.20
C SER B 188 -31.14 8.58 -14.84
N LEU B 189 -31.92 7.52 -15.11
CA LEU B 189 -33.16 7.66 -15.88
C LEU B 189 -34.30 8.36 -15.13
N LEU B 190 -34.38 8.20 -13.81
CA LEU B 190 -35.38 8.90 -13.01
C LEU B 190 -34.82 10.12 -12.26
N GLU B 191 -33.52 10.38 -12.42
CA GLU B 191 -32.84 11.49 -11.75
C GLU B 191 -31.65 11.97 -12.61
N PRO B 192 -31.95 12.58 -13.78
CA PRO B 192 -30.91 12.90 -14.79
C PRO B 192 -29.87 13.96 -14.42
N THR B 193 -29.98 14.58 -13.25
CA THR B 193 -28.90 15.40 -12.67
C THR B 193 -27.88 14.56 -11.88
N LYS B 194 -28.19 13.27 -11.67
CA LYS B 194 -27.29 12.32 -11.02
C LYS B 194 -26.72 11.33 -12.03
N LYS B 195 -25.39 11.21 -12.03
CA LYS B 195 -24.65 10.19 -12.80
C LYS B 195 -25.27 8.80 -12.65
N MET B 196 -25.31 8.02 -13.73
CA MET B 196 -25.80 6.64 -13.67
C MET B 196 -24.81 5.78 -12.90
N SER B 197 -25.30 5.13 -11.84
CA SER B 197 -24.48 4.32 -10.94
C SER B 197 -24.64 2.83 -11.26
N LYS B 198 -23.56 2.08 -11.09
CA LYS B 198 -23.62 0.61 -11.20
C LYS B 198 -24.02 -0.09 -9.88
N SER B 199 -24.28 0.69 -8.83
CA SER B 199 -24.76 0.15 -7.55
C SER B 199 -25.92 0.97 -6.99
N ASP B 200 -26.84 1.41 -7.87
CA ASP B 200 -27.97 2.23 -7.45
C ASP B 200 -28.99 1.37 -6.71
N ASP B 201 -29.46 1.86 -5.56
CA ASP B 201 -30.55 1.23 -4.81
C ASP B 201 -31.85 1.18 -5.63
N ASN B 202 -32.08 2.23 -6.43
CA ASN B 202 -33.21 2.30 -7.34
C ASN B 202 -32.78 1.76 -8.71
N ARG B 203 -33.12 0.52 -9.00
CA ARG B 203 -32.79 -0.14 -10.27
C ARG B 203 -33.41 0.53 -11.51
N ASN B 204 -34.52 1.25 -11.32
CA ASN B 204 -35.17 1.99 -12.41
C ASN B 204 -34.33 3.17 -12.97
N ASN B 205 -33.33 3.62 -12.22
CA ASN B 205 -32.36 4.60 -12.70
C ASN B 205 -31.38 4.08 -13.76
N VAL B 206 -31.16 2.76 -13.78
CA VAL B 206 -30.01 2.17 -14.44
C VAL B 206 -30.42 1.29 -15.63
N ILE B 207 -29.57 1.26 -16.65
CA ILE B 207 -29.64 0.25 -17.72
C ILE B 207 -28.44 -0.68 -17.56
N GLY B 208 -28.69 -1.89 -17.05
CA GLY B 208 -27.64 -2.87 -16.81
C GLY B 208 -27.26 -3.60 -18.08
N LEU B 209 -25.97 -3.85 -18.27
CA LEU B 209 -25.46 -4.54 -19.47
C LEU B 209 -25.92 -6.00 -19.61
N LEU B 210 -26.16 -6.66 -18.47
CA LEU B 210 -26.67 -8.04 -18.46
C LEU B 210 -28.14 -8.14 -18.08
N GLU B 211 -28.86 -7.03 -18.16
CA GLU B 211 -30.26 -6.95 -17.77
C GLU B 211 -31.15 -7.37 -18.94
N ASP B 212 -32.29 -7.98 -18.61
CA ASP B 212 -33.32 -8.35 -19.59
C ASP B 212 -33.65 -7.14 -20.48
N PRO B 213 -33.43 -7.24 -21.81
CA PRO B 213 -33.75 -6.14 -22.72
C PRO B 213 -35.19 -5.61 -22.59
N LYS B 214 -36.14 -6.51 -22.36
CA LYS B 214 -37.55 -6.13 -22.17
C LYS B 214 -37.73 -5.19 -20.95
N SER B 215 -37.03 -5.51 -19.86
CA SER B 215 -37.00 -4.65 -18.68
C SER B 215 -36.36 -3.28 -18.97
N VAL B 216 -35.30 -3.28 -19.79
CA VAL B 216 -34.60 -2.05 -20.19
C VAL B 216 -35.50 -1.11 -21.02
N VAL B 217 -36.24 -1.67 -21.98
CA VAL B 217 -37.20 -0.91 -22.80
C VAL B 217 -38.26 -0.21 -21.93
N LYS B 218 -38.77 -0.93 -20.93
CA LYS B 218 -39.74 -0.37 -19.98
C LYS B 218 -39.16 0.81 -19.19
N LYS B 219 -37.89 0.71 -18.79
CA LYS B 219 -37.21 1.77 -18.05
C LYS B 219 -36.94 3.02 -18.90
N ILE B 220 -36.60 2.81 -20.17
CA ILE B 220 -36.41 3.92 -21.12
C ILE B 220 -37.73 4.68 -21.33
N LYS B 221 -38.83 3.94 -21.48
CA LYS B 221 -40.17 4.53 -21.60
C LYS B 221 -40.55 5.43 -20.42
N ARG B 222 -40.15 5.01 -19.21
CA ARG B 222 -40.46 5.76 -17.98
C ARG B 222 -39.39 6.79 -17.57
N ALA B 223 -38.31 6.93 -18.35
CA ALA B 223 -37.29 7.95 -18.10
C ALA B 223 -37.95 9.32 -18.05
N VAL B 224 -37.61 10.13 -17.04
CA VAL B 224 -38.21 11.45 -16.89
C VAL B 224 -37.68 12.41 -17.96
N THR B 225 -38.57 13.23 -18.50
CA THR B 225 -38.23 14.18 -19.55
C THR B 225 -38.47 15.60 -19.00
N ASP B 226 -39.47 16.32 -19.51
CA ASP B 226 -39.73 17.70 -19.08
C ASP B 226 -41.15 18.13 -19.44
N SER B 227 -41.53 19.32 -18.98
CA SER B 227 -42.88 19.85 -19.17
C SER B 227 -43.06 20.74 -20.40
N ASP B 228 -42.04 20.78 -21.28
CA ASP B 228 -42.07 21.69 -22.45
C ASP B 228 -43.31 21.46 -23.30
N GLU B 229 -43.94 22.57 -23.69
CA GLU B 229 -45.16 22.53 -24.48
C GLU B 229 -45.03 23.47 -25.68
N PRO B 230 -44.98 22.96 -26.92
CA PRO B 230 -45.01 21.52 -27.24
C PRO B 230 -43.74 20.77 -26.82
N PRO B 231 -43.83 19.43 -26.64
CA PRO B 231 -42.59 18.67 -26.44
C PRO B 231 -41.65 18.84 -27.64
N VAL B 232 -40.38 19.14 -27.39
CA VAL B 232 -39.38 19.32 -28.44
C VAL B 232 -38.09 18.58 -28.05
N VAL B 233 -37.55 17.83 -29.01
CA VAL B 233 -36.35 17.04 -28.84
C VAL B 233 -35.14 17.93 -29.15
N ARG B 234 -34.59 18.53 -28.09
CA ARG B 234 -33.45 19.45 -28.22
C ARG B 234 -32.51 19.28 -27.02
N TYR B 235 -31.22 19.50 -27.28
CA TYR B 235 -30.18 19.32 -26.28
C TYR B 235 -30.05 20.57 -25.41
N ASP B 236 -30.25 20.40 -24.11
CA ASP B 236 -30.19 21.47 -23.12
C ASP B 236 -30.08 20.82 -21.74
N VAL B 237 -28.86 20.72 -21.22
CA VAL B 237 -28.58 19.98 -19.99
C VAL B 237 -29.23 20.61 -18.75
N GLN B 238 -29.30 21.95 -18.73
CA GLN B 238 -29.88 22.70 -17.60
C GLN B 238 -31.40 22.52 -17.50
N ASN B 239 -32.10 22.77 -18.61
CA ASN B 239 -33.58 22.77 -18.64
C ASN B 239 -34.22 21.49 -19.17
N LYS B 240 -33.46 20.66 -19.89
CA LYS B 240 -33.98 19.41 -20.47
C LYS B 240 -33.00 18.24 -20.24
N ALA B 241 -32.66 18.02 -18.98
CA ALA B 241 -31.67 17.01 -18.59
C ALA B 241 -32.01 15.60 -19.08
N GLY B 242 -33.27 15.19 -18.88
CA GLY B 242 -33.72 13.88 -19.29
C GLY B 242 -33.66 13.61 -20.78
N VAL B 243 -34.15 14.57 -21.56
CA VAL B 243 -34.14 14.51 -23.03
C VAL B 243 -32.72 14.53 -23.57
N SER B 244 -31.90 15.41 -23.01
CA SER B 244 -30.48 15.52 -23.36
C SER B 244 -29.73 14.21 -23.12
N ASN B 245 -29.99 13.57 -21.98
CA ASN B 245 -29.38 12.29 -21.62
C ASN B 245 -29.78 11.18 -22.59
N LEU B 246 -31.05 11.17 -23.01
CA LEU B 246 -31.54 10.21 -24.01
C LEU B 246 -30.88 10.43 -25.37
N LEU B 247 -30.76 11.69 -25.78
CA LEU B 247 -30.05 12.05 -27.02
C LEU B 247 -28.58 11.62 -26.97
N ASP B 248 -27.96 11.83 -25.80
CA ASP B 248 -26.57 11.43 -25.56
C ASP B 248 -26.39 9.90 -25.68
N ILE B 249 -27.29 9.13 -25.06
CA ILE B 249 -27.26 7.67 -25.16
C ILE B 249 -27.44 7.21 -26.62
N LEU B 250 -28.38 7.84 -27.32
CA LEU B 250 -28.64 7.50 -28.73
C LEU B 250 -27.45 7.85 -29.64
N SER B 251 -26.85 9.01 -29.39
CA SER B 251 -25.64 9.43 -30.11
C SER B 251 -24.48 8.45 -29.95
N ALA B 252 -24.28 7.99 -28.72
CA ALA B 252 -23.18 7.10 -28.38
C ALA B 252 -23.34 5.69 -28.95
N VAL B 253 -24.58 5.19 -28.99
CA VAL B 253 -24.88 3.87 -29.56
C VAL B 253 -24.76 3.87 -31.09
N THR B 254 -25.45 4.81 -31.73
CA THR B 254 -25.53 4.87 -33.20
C THR B 254 -24.32 5.50 -33.88
N GLY B 255 -23.57 6.31 -33.13
CA GLY B 255 -22.46 7.09 -33.69
C GLY B 255 -22.91 8.34 -34.43
N GLN B 256 -24.16 8.76 -34.21
CA GLN B 256 -24.73 9.94 -34.85
C GLN B 256 -24.54 11.14 -33.93
N SER B 257 -24.27 12.31 -34.50
CA SER B 257 -24.10 13.53 -33.71
C SER B 257 -25.43 14.03 -33.14
N ILE B 258 -25.34 14.83 -32.09
CA ILE B 258 -26.53 15.43 -31.46
C ILE B 258 -27.27 16.37 -32.42
N PRO B 259 -26.54 17.30 -33.09
CA PRO B 259 -27.16 18.10 -34.17
C PRO B 259 -27.88 17.29 -35.24
N GLU B 260 -27.30 16.15 -35.63
CA GLU B 260 -27.92 15.24 -36.60
C GLU B 260 -29.20 14.63 -36.03
N LEU B 261 -29.15 14.20 -34.76
CA LEU B 261 -30.34 13.64 -34.08
C LEU B 261 -31.44 14.68 -33.90
N GLU B 262 -31.06 15.88 -33.47
CA GLU B 262 -32.00 17.01 -33.35
C GLU B 262 -32.76 17.29 -34.65
N LYS B 263 -32.04 17.30 -35.78
CA LYS B 263 -32.66 17.46 -37.10
C LYS B 263 -33.60 16.30 -37.43
N GLN B 264 -33.18 15.08 -37.11
CA GLN B 264 -34.00 13.88 -37.33
C GLN B 264 -35.32 13.88 -36.56
N PHE B 265 -35.31 14.43 -35.34
CA PHE B 265 -36.51 14.48 -34.49
C PHE B 265 -37.33 15.77 -34.60
N GLU B 266 -36.99 16.65 -35.56
CA GLU B 266 -37.80 17.83 -35.85
C GLU B 266 -39.23 17.43 -36.18
N GLY B 267 -40.20 18.11 -35.55
CA GLY B 267 -41.61 17.75 -35.70
C GLY B 267 -42.02 16.48 -34.97
N LYS B 268 -41.15 15.93 -34.14
CA LYS B 268 -41.43 14.72 -33.37
C LYS B 268 -41.34 15.08 -31.89
N MET B 269 -41.84 14.17 -31.06
CA MET B 269 -41.90 14.37 -29.61
C MET B 269 -41.16 13.22 -28.92
N TYR B 270 -41.38 13.03 -27.61
CA TYR B 270 -40.56 12.12 -26.83
C TYR B 270 -40.87 10.63 -27.07
N GLY B 271 -42.03 10.34 -27.65
CA GLY B 271 -42.36 8.98 -28.09
C GLY B 271 -41.41 8.45 -29.14
N HIS B 272 -41.13 9.27 -30.16
CA HIS B 272 -40.15 8.94 -31.20
C HIS B 272 -38.74 8.78 -30.62
N LEU B 273 -38.36 9.71 -29.76
CA LEU B 273 -37.04 9.71 -29.11
C LEU B 273 -36.84 8.43 -28.31
N LYS B 274 -37.77 8.15 -27.42
CA LYS B 274 -37.71 6.97 -26.54
C LYS B 274 -37.81 5.66 -27.33
N GLY B 275 -38.67 5.63 -28.34
CA GLY B 275 -38.78 4.49 -29.24
C GLY B 275 -37.46 4.16 -29.93
N GLU B 276 -36.81 5.19 -30.43
CA GLU B 276 -35.52 5.05 -31.11
C GLU B 276 -34.39 4.64 -30.13
N VAL B 277 -34.36 5.26 -28.95
CA VAL B 277 -33.41 4.90 -27.89
C VAL B 277 -33.61 3.46 -27.42
N ALA B 278 -34.87 3.08 -27.21
CA ALA B 278 -35.22 1.71 -26.78
C ALA B 278 -34.80 0.67 -27.82
N ASP B 279 -35.07 0.93 -29.10
CA ASP B 279 -34.68 0.04 -30.21
C ASP B 279 -33.19 -0.19 -30.28
N ALA B 280 -32.41 0.90 -30.29
CA ALA B 280 -30.95 0.83 -30.41
C ALA B 280 -30.28 0.14 -29.21
N VAL B 281 -30.72 0.48 -28.00
CA VAL B 281 -30.16 -0.11 -26.77
C VAL B 281 -30.54 -1.59 -26.65
N SER B 282 -31.82 -1.92 -26.88
CA SER B 282 -32.30 -3.31 -26.81
C SER B 282 -31.57 -4.20 -27.81
N GLY B 283 -31.35 -3.69 -29.02
CA GLY B 283 -30.57 -4.39 -30.04
C GLY B 283 -29.14 -4.66 -29.61
N MET B 284 -28.52 -3.64 -29.02
CA MET B 284 -27.13 -3.74 -28.54
C MET B 284 -26.96 -4.78 -27.45
N LEU B 285 -27.83 -4.73 -26.43
CA LEU B 285 -27.78 -5.65 -25.30
C LEU B 285 -28.12 -7.10 -25.64
N THR B 286 -29.02 -7.30 -26.62
CA THR B 286 -29.36 -8.65 -27.09
C THR B 286 -28.13 -9.34 -27.67
N GLU B 287 -27.47 -8.66 -28.62
CA GLU B 287 -26.22 -9.15 -29.23
C GLU B 287 -25.14 -9.39 -28.17
N LEU B 288 -24.95 -8.41 -27.29
CA LEU B 288 -23.92 -8.47 -26.25
C LEU B 288 -24.11 -9.66 -25.33
N GLN B 289 -25.33 -9.81 -24.82
CA GLN B 289 -25.68 -10.90 -23.90
C GLN B 289 -25.60 -12.29 -24.55
N GLU B 290 -25.85 -12.34 -25.86
CA GLU B 290 -25.72 -13.58 -26.64
C GLU B 290 -24.26 -14.05 -26.64
N ARG B 291 -23.34 -13.13 -26.94
CA ARG B 291 -21.90 -13.40 -26.86
C ARG B 291 -21.44 -13.70 -25.42
N TYR B 292 -21.98 -12.95 -24.46
CA TYR B 292 -21.59 -13.08 -23.04
C TYR B 292 -21.67 -14.50 -22.49
N HIS B 293 -22.80 -15.17 -22.71
CA HIS B 293 -23.02 -16.51 -22.15
C HIS B 293 -22.08 -17.57 -22.72
N ARG B 294 -21.69 -17.43 -24.00
CA ARG B 294 -20.70 -18.30 -24.62
C ARG B 294 -19.35 -18.23 -23.92
N PHE B 295 -18.93 -17.00 -23.60
CA PHE B 295 -17.70 -16.76 -22.87
C PHE B 295 -17.81 -17.11 -21.38
N ARG B 296 -18.90 -16.66 -20.75
CA ARG B 296 -19.07 -16.77 -19.29
C ARG B 296 -19.17 -18.21 -18.77
N ASN B 297 -19.77 -19.10 -19.56
CA ASN B 297 -19.93 -20.51 -19.19
C ASN B 297 -18.76 -21.40 -19.63
N ASP B 298 -17.72 -20.79 -20.20
CA ASP B 298 -16.54 -21.52 -20.68
C ASP B 298 -15.39 -21.22 -19.72
N GLU B 299 -15.34 -21.98 -18.62
CA GLU B 299 -14.36 -21.73 -17.56
C GLU B 299 -12.92 -21.93 -18.01
N ALA B 300 -12.69 -22.94 -18.85
CA ALA B 300 -11.36 -23.20 -19.41
C ALA B 300 -10.82 -22.01 -20.20
N PHE B 301 -11.68 -21.36 -20.97
CA PHE B 301 -11.30 -20.18 -21.74
C PHE B 301 -11.01 -18.98 -20.84
N LEU B 302 -11.90 -18.71 -19.89
CA LEU B 302 -11.69 -17.61 -18.93
C LEU B 302 -10.43 -17.81 -18.10
N GLN B 303 -10.19 -19.05 -17.69
CA GLN B 303 -8.96 -19.41 -16.97
C GLN B 303 -7.70 -19.14 -17.80
N GLN B 304 -7.74 -19.49 -19.09
CA GLN B 304 -6.59 -19.28 -19.98
C GLN B 304 -6.32 -17.79 -20.26
N VAL B 305 -7.39 -17.00 -20.44
CA VAL B 305 -7.26 -15.55 -20.63
C VAL B 305 -6.61 -14.89 -19.41
N MET B 306 -7.05 -15.28 -18.21
CA MET B 306 -6.46 -14.76 -16.96
C MET B 306 -4.99 -15.15 -16.80
N LYS B 307 -4.65 -16.39 -17.17
CA LYS B 307 -3.28 -16.89 -17.10
C LYS B 307 -2.34 -16.13 -18.04
N ASP B 308 -2.71 -16.07 -19.32
CA ASP B 308 -1.89 -15.40 -20.33
C ASP B 308 -1.81 -13.89 -20.09
N GLY B 309 -2.93 -13.29 -19.69
CA GLY B 309 -3.00 -11.87 -19.40
C GLY B 309 -2.10 -11.44 -18.25
N ALA B 310 -2.18 -12.16 -17.13
CA ALA B 310 -1.33 -11.87 -15.97
C ALA B 310 0.16 -12.05 -16.27
N GLU B 311 0.48 -13.02 -17.12
CA GLU B 311 1.84 -13.25 -17.60
C GLU B 311 2.36 -12.05 -18.39
N LYS B 312 1.58 -11.61 -19.38
CA LYS B 312 1.92 -10.43 -20.19
C LYS B 312 2.07 -9.16 -19.37
N ALA B 313 1.14 -8.94 -18.44
CA ALA B 313 1.15 -7.76 -17.57
C ALA B 313 2.36 -7.76 -16.62
N SER B 314 2.62 -8.90 -15.98
CA SER B 314 3.77 -9.05 -15.07
C SER B 314 5.11 -8.70 -15.72
N ALA B 315 5.27 -9.09 -16.99
CA ALA B 315 6.49 -8.80 -17.74
C ALA B 315 6.74 -7.29 -17.82
N HIS B 316 5.70 -6.54 -18.19
CA HIS B 316 5.78 -5.07 -18.23
C HIS B 316 5.89 -4.43 -16.83
N ALA B 317 5.07 -4.91 -15.90
CA ALA B 317 5.00 -4.34 -14.56
C ALA B 317 6.29 -4.51 -13.75
N SER B 318 6.89 -5.71 -13.83
CA SER B 318 8.15 -5.98 -13.13
C SER B 318 9.28 -5.08 -13.64
N ARG B 319 9.30 -4.79 -14.94
CA ARG B 319 10.30 -3.92 -15.53
C ARG B 319 10.23 -2.50 -14.97
N THR B 320 9.02 -1.95 -14.88
CA THR B 320 8.81 -0.63 -14.29
C THR B 320 9.15 -0.60 -12.81
N LEU B 321 8.68 -1.57 -12.04
CA LEU B 321 8.95 -1.63 -10.59
C LEU B 321 10.44 -1.76 -10.28
N LYS B 322 11.16 -2.55 -11.09
CA LYS B 322 12.62 -2.64 -11.02
C LYS B 322 13.27 -1.25 -11.08
N ALA B 323 12.86 -0.45 -12.07
CA ALA B 323 13.41 0.89 -12.25
C ALA B 323 12.99 1.86 -11.12
N VAL B 324 11.74 1.75 -10.67
CA VAL B 324 11.26 2.54 -9.52
C VAL B 324 12.05 2.23 -8.25
N TYR B 325 12.22 0.94 -7.96
CA TYR B 325 12.99 0.49 -6.79
C TYR B 325 14.47 0.89 -6.85
N GLU B 326 15.07 0.82 -8.04
CA GLU B 326 16.44 1.29 -8.23
C GLU B 326 16.55 2.80 -8.00
N ALA B 327 15.57 3.55 -8.50
CA ALA B 327 15.55 5.02 -8.37
C ALA B 327 15.44 5.51 -6.94
N ILE B 328 14.47 4.99 -6.18
CA ILE B 328 14.25 5.42 -4.79
C ILE B 328 15.33 4.94 -3.82
N GLY B 329 16.09 3.92 -4.21
CA GLY B 329 17.28 3.50 -3.48
C GLY B 329 17.19 2.22 -2.67
N PHE B 330 16.27 1.32 -3.07
CA PHE B 330 16.18 0.00 -2.43
C PHE B 330 17.30 -0.92 -2.92
N VAL B 331 17.75 -1.81 -2.03
CA VAL B 331 18.64 -2.91 -2.42
C VAL B 331 17.83 -3.84 -3.32
N ALA B 332 18.33 -4.08 -4.53
CA ALA B 332 17.64 -4.89 -5.52
C ALA B 332 17.55 -6.35 -5.09
N LYS B 333 16.40 -6.96 -5.33
CA LYS B 333 16.15 -8.35 -4.98
C LYS B 333 17.01 -9.28 -5.82
N ARG B 334 17.55 -10.33 -5.17
CA ARG B 334 18.41 -11.31 -5.82
C ARG B 334 17.62 -12.23 -6.75
CAM 3JD C . 7.69 6.36 11.21
CAK 3JD C . 7.96 7.84 10.92
CAL 3JD C . 8.68 8.02 9.61
NAP 3JD C . 9.95 7.24 9.61
CAN 3JD C . 9.73 5.78 9.83
CAW 3JD C . 8.99 5.53 11.15
CAR 3JD C . 8.71 4.05 11.33
CAF 3JD C . 9.41 3.30 12.28
CAH 3JD C . 9.12 1.96 12.48
CAE 3JD C . 7.73 3.42 10.58
CAG 3JD C . 7.43 2.08 10.77
CAS 3JD C . 8.14 1.34 11.73
NAX 3JD C . 7.87 -0.05 11.88
CAJ 3JD C . 7.19 -0.86 11.03
NAO 3JD C . 8.30 -0.71 12.99
CAV 3JD C . 7.88 -1.96 12.84
CAU 3JD C . 7.17 -2.12 11.61
CAI 3JD C . 6.60 -3.37 11.22
CAC 3JD C . 6.75 -4.42 12.07
CAD 3JD C . 7.45 -4.29 13.31
CAT 3JD C . 8.02 -3.10 13.71
CAQ 3JD C . 8.75 -3.06 15.02
OAB 3JD C . 8.93 -4.10 15.67
NAA 3JD C . 9.24 -1.90 15.41
S SO4 D . 15.88 3.96 20.53
O1 SO4 D . 15.18 5.23 20.24
O2 SO4 D . 17.31 4.09 20.17
O3 SO4 D . 15.25 2.86 19.75
O4 SO4 D . 15.75 3.65 21.98
S SO4 E . 38.38 14.01 38.34
O1 SO4 E . 39.71 13.48 38.70
O2 SO4 E . 38.15 15.30 39.02
O3 SO4 E . 37.35 13.03 38.77
O4 SO4 E . 38.28 14.22 36.88
P TYM F . -15.71 1.74 -12.32
O1P TYM F . -15.88 0.27 -12.57
O2P TYM F . -16.50 2.45 -11.24
O5' TYM F . -15.95 2.53 -13.71
C5' TYM F . -15.38 2.03 -14.91
C4' TYM F . -15.39 3.11 -15.98
O4' TYM F . -16.74 3.51 -16.24
C1' TYM F . -16.83 4.93 -16.20
N9 TYM F . -18.19 5.31 -15.74
C4 TYM F . -19.07 5.98 -16.48
N3 TYM F . -19.04 6.51 -17.73
C2 TYM F . -20.11 7.16 -18.24
N1 TYM F . -21.26 7.32 -17.55
C6 TYM F . -21.41 6.85 -16.28
N6 TYM F . -22.57 7.02 -15.61
C5 TYM F . -20.28 6.11 -15.67
N7 TYM F . -20.02 5.51 -14.50
C8 TYM F . -18.75 5.02 -14.56
C2' TYM F . -15.70 5.40 -15.29
O2' TYM F . -15.28 6.74 -15.61
C3' TYM F . -14.63 4.37 -15.58
O3' TYM F . -13.78 4.79 -16.65
NH3 TYM F . -11.44 3.94 -10.87
CA TYM F . -11.98 3.30 -12.05
CB TYM F . -11.38 1.89 -12.18
CG TYM F . -9.89 1.94 -12.33
CD2 TYM F . -9.11 2.51 -13.45
CE2 TYM F . -7.71 2.29 -13.09
CE3 TYM F . -9.47 3.13 -14.64
CD1 TYM F . -8.95 1.46 -11.43
NE1 TYM F . -7.69 1.68 -11.89
CZ2 TYM F . -6.72 2.73 -13.97
CZ3 TYM F . -8.45 3.55 -15.49
CH2 TYM F . -7.09 3.36 -15.16
C TYM F . -13.48 3.22 -11.95
O TYM F . -14.15 4.23 -11.76
OPP TYM F . -14.15 1.94 -12.06
S SO4 G . -20.96 3.75 -8.79
O1 SO4 G . -19.58 4.05 -8.33
O2 SO4 G . -21.01 3.77 -10.27
O3 SO4 G . -21.34 2.41 -8.30
O4 SO4 G . -21.89 4.76 -8.26
#